data_8COD
#
_entry.id   8COD
#
_cell.length_a   98.220
_cell.length_b   102.526
_cell.length_c   173.408
_cell.angle_alpha   90.00
_cell.angle_beta   90.00
_cell.angle_gamma   90.00
#
_symmetry.space_group_name_H-M   'I 2 2 2'
#
loop_
_entity.id
_entity.type
_entity.pdbx_description
1 polymer Adenosylhomocysteinase
2 non-polymer NICOTINAMIDE-ADENINE-DINUCLEOTIDE
3 non-polymer INOSINE
4 non-polymer 'SODIUM ION'
5 water water
#
_entity_poly.entity_id   1
_entity_poly.type   'polypeptide(L)'
_entity_poly.pdbx_seq_one_letter_code
;MGSSHHHHHHSSGLVPRGSHMSDKLPYKVADIGLAAWGRKALDIAENEMPGLMRMREMYSASKPLKGARIAGCLHMTVET
AVLIETLVALGAEVRWSSCNIFSTQDHAAAAIAKAGIPVFAWKGETDEEYLWCIEQTLHFKDGPLNMILDDGGDLTNLIH
TKYPQLLSGIRGISEETTTGVHNLYKMMSNGILKVPAINVNDSVTKSKFDNLYGCRESLIDGIKRATDVMIAGKVAVVAG
YGDVGKGCAQALRGFGARVIITEIDPINALQAAMEGYEVTTMDEACKEGNIFVTTTGCVDIILGRHFEQMKDDAIVCNIG
HFDVEIDVKWLNENAVEKVNIKPQVDRYWLKNGRRIILLAEGRLVNLGCAMGHPSFVMSNSFTNQVMAQIELWTHPDKYP
VGVHFLPKKLDEAVAEAHLGKLNVKLTKLTEKQAQYLGMPINGPFKPDHYRY
;
_entity_poly.pdbx_strand_id   A,B
#
# COMPACT_ATOMS: atom_id res chain seq x y z
N LYS A 24 -22.66 -19.44 -26.20
CA LYS A 24 -22.79 -18.60 -27.45
C LYS A 24 -21.71 -17.50 -27.48
N LEU A 25 -21.62 -16.73 -26.38
CA LEU A 25 -20.82 -15.52 -26.21
C LEU A 25 -19.33 -15.83 -26.35
N PRO A 26 -18.54 -14.89 -26.93
CA PRO A 26 -17.10 -15.05 -26.99
C PRO A 26 -16.38 -14.75 -25.66
N TYR A 27 -17.08 -14.04 -24.76
CA TYR A 27 -16.55 -13.55 -23.49
C TYR A 27 -17.65 -12.79 -22.76
N LYS A 28 -17.34 -12.37 -21.51
CA LYS A 28 -18.23 -11.46 -20.82
C LYS A 28 -17.48 -10.75 -19.71
N VAL A 29 -17.27 -9.45 -19.92
CA VAL A 29 -16.48 -8.62 -19.02
C VAL A 29 -17.24 -7.35 -18.66
N ALA A 30 -16.75 -6.60 -17.66
CA ALA A 30 -17.40 -5.39 -17.20
C ALA A 30 -17.43 -4.27 -18.27
N ASP A 31 -16.33 -4.09 -19.02
CA ASP A 31 -16.23 -3.04 -20.02
C ASP A 31 -15.04 -3.33 -20.93
N ILE A 32 -15.27 -3.75 -22.17
CA ILE A 32 -14.20 -4.03 -23.13
C ILE A 32 -13.38 -2.77 -23.42
N GLY A 33 -13.92 -1.59 -23.09
CA GLY A 33 -13.22 -0.33 -23.33
C GLY A 33 -11.95 -0.18 -22.52
N LEU A 34 -11.84 -0.93 -21.41
CA LEU A 34 -10.64 -0.96 -20.57
C LEU A 34 -9.50 -1.79 -21.17
N ALA A 35 -9.67 -2.34 -22.40
CA ALA A 35 -8.68 -3.19 -23.06
C ALA A 35 -7.32 -2.49 -23.22
N ALA A 36 -7.31 -1.25 -23.71
CA ALA A 36 -6.03 -0.59 -23.98
C ALA A 36 -5.20 -0.45 -22.72
N TRP A 37 -5.85 -0.05 -21.61
CA TRP A 37 -5.15 0.20 -20.35
C TRP A 37 -4.64 -1.13 -19.79
N GLY A 38 -5.51 -2.13 -19.84
CA GLY A 38 -5.14 -3.48 -19.46
C GLY A 38 -3.88 -3.91 -20.18
N ARG A 39 -3.85 -3.67 -21.50
CA ARG A 39 -2.76 -4.13 -22.32
C ARG A 39 -1.50 -3.43 -21.84
N LYS A 40 -1.61 -2.12 -21.58
CA LYS A 40 -0.47 -1.40 -21.03
C LYS A 40 -0.03 -2.09 -19.74
N ALA A 41 -0.99 -2.51 -18.91
CA ALA A 41 -0.63 -3.11 -17.64
C ALA A 41 0.04 -4.47 -17.86
N LEU A 42 -0.47 -5.26 -18.83
CA LEU A 42 0.10 -6.55 -19.24
C LEU A 42 1.53 -6.39 -19.75
N ASP A 43 1.78 -5.32 -20.52
CA ASP A 43 3.11 -5.09 -21.07
C ASP A 43 4.12 -4.97 -19.91
N ILE A 44 3.77 -4.14 -18.93
CA ILE A 44 4.64 -3.85 -17.80
C ILE A 44 4.89 -5.11 -16.95
N ALA A 45 3.82 -5.88 -16.69
CA ALA A 45 3.89 -7.08 -15.89
C ALA A 45 4.73 -8.16 -16.58
N GLU A 46 4.73 -8.24 -17.92
CA GLU A 46 5.47 -9.31 -18.58
C GLU A 46 6.94 -9.20 -18.18
N ASN A 47 7.44 -7.98 -18.29
CA ASN A 47 8.79 -7.60 -17.95
C ASN A 47 9.11 -7.88 -16.47
N GLU A 48 8.08 -8.23 -15.67
CA GLU A 48 8.25 -8.50 -14.25
C GLU A 48 8.13 -10.01 -13.99
N MET A 49 7.83 -10.78 -15.04
CA MET A 49 7.47 -12.16 -14.81
C MET A 49 8.32 -13.08 -15.69
N PRO A 50 9.65 -13.18 -15.43
CA PRO A 50 10.56 -13.93 -16.32
C PRO A 50 10.32 -15.44 -16.37
N GLY A 51 9.70 -16.00 -15.33
CA GLY A 51 9.38 -17.43 -15.32
C GLY A 51 8.44 -17.75 -16.49
N LEU A 52 7.44 -16.88 -16.64
CA LEU A 52 6.39 -17.07 -17.63
C LEU A 52 6.95 -16.82 -19.02
N MET A 53 7.75 -15.75 -19.14
CA MET A 53 8.42 -15.39 -20.38
C MET A 53 9.39 -16.47 -20.85
N ARG A 54 10.25 -17.02 -19.97
CA ARG A 54 11.14 -18.11 -20.36
C ARG A 54 10.33 -19.28 -20.93
N MET A 55 9.19 -19.61 -20.31
CA MET A 55 8.24 -20.62 -20.77
C MET A 55 7.83 -20.35 -22.22
N ARG A 56 7.70 -19.07 -22.57
CA ARG A 56 7.33 -18.66 -23.93
C ARG A 56 8.49 -18.92 -24.88
N GLU A 57 9.70 -18.54 -24.47
CA GLU A 57 10.88 -18.73 -25.31
C GLU A 57 11.01 -20.22 -25.61
N MET A 58 10.96 -21.01 -24.55
CA MET A 58 11.23 -22.44 -24.64
C MET A 58 10.21 -23.13 -25.54
N TYR A 59 8.91 -22.83 -25.37
CA TYR A 59 7.89 -23.78 -25.81
C TYR A 59 6.91 -23.21 -26.86
N SER A 60 7.10 -21.95 -27.28
CA SER A 60 6.20 -21.36 -28.27
C SER A 60 6.27 -22.07 -29.63
N ALA A 61 7.47 -22.52 -30.03
CA ALA A 61 7.69 -23.20 -31.30
C ALA A 61 7.14 -24.63 -31.24
N SER A 62 7.36 -25.33 -30.12
CA SER A 62 7.03 -26.75 -30.05
C SER A 62 5.57 -26.98 -29.65
N LYS A 63 4.95 -25.94 -29.08
CA LYS A 63 3.56 -25.95 -28.65
C LYS A 63 3.19 -27.24 -27.90
N PRO A 64 3.82 -27.55 -26.74
CA PRO A 64 3.52 -28.76 -25.98
C PRO A 64 2.07 -28.88 -25.53
N LEU A 65 1.30 -27.81 -25.66
CA LEU A 65 -0.07 -27.89 -25.19
C LEU A 65 -1.08 -27.97 -26.34
N LYS A 66 -0.64 -28.13 -27.59
CA LYS A 66 -1.62 -28.30 -28.66
C LYS A 66 -2.56 -29.47 -28.30
N GLY A 67 -3.87 -29.25 -28.45
CA GLY A 67 -4.85 -30.25 -28.08
C GLY A 67 -5.48 -30.02 -26.70
N ALA A 68 -4.78 -29.28 -25.82
CA ALA A 68 -5.30 -29.05 -24.49
C ALA A 68 -6.47 -28.07 -24.53
N ARG A 69 -7.47 -28.38 -23.70
CA ARG A 69 -8.64 -27.53 -23.60
C ARG A 69 -8.81 -27.20 -22.12
N ILE A 70 -8.13 -26.12 -21.70
CA ILE A 70 -7.95 -25.78 -20.29
C ILE A 70 -9.04 -24.83 -19.83
N ALA A 71 -9.83 -25.28 -18.86
CA ALA A 71 -10.78 -24.41 -18.17
C ALA A 71 -10.09 -23.87 -16.92
N GLY A 72 -10.00 -22.53 -16.86
CA GLY A 72 -9.37 -21.84 -15.73
C GLY A 72 -10.38 -21.26 -14.75
N CYS A 73 -10.19 -21.56 -13.46
CA CYS A 73 -10.89 -20.83 -12.41
C CYS A 73 -9.87 -20.25 -11.42
N LEU A 74 -9.47 -19.00 -11.66
CA LEU A 74 -8.40 -18.36 -10.92
C LEU A 74 -8.49 -16.84 -11.09
N HIS A 75 -8.41 -16.12 -9.96
CA HIS A 75 -8.52 -14.65 -9.87
C HIS A 75 -8.12 -13.98 -11.17
N MET A 76 -9.05 -13.26 -11.83
CA MET A 76 -8.73 -12.73 -13.14
C MET A 76 -8.06 -11.35 -13.05
N THR A 77 -6.75 -11.36 -12.78
CA THR A 77 -5.93 -10.17 -12.59
C THR A 77 -4.93 -10.04 -13.74
N VAL A 78 -4.15 -8.96 -13.71
CA VAL A 78 -3.10 -8.73 -14.71
C VAL A 78 -2.18 -9.94 -14.80
N GLU A 79 -1.75 -10.48 -13.65
CA GLU A 79 -0.82 -11.58 -13.59
C GLU A 79 -1.38 -12.81 -14.30
N THR A 80 -2.64 -13.14 -13.97
CA THR A 80 -3.39 -14.26 -14.53
C THR A 80 -3.49 -14.12 -16.05
N ALA A 81 -3.58 -12.87 -16.53
CA ALA A 81 -3.61 -12.57 -17.95
C ALA A 81 -2.32 -13.08 -18.59
N VAL A 82 -1.22 -12.94 -17.87
CA VAL A 82 0.07 -13.24 -18.46
C VAL A 82 0.17 -14.77 -18.52
N LEU A 83 -0.40 -15.43 -17.51
CA LEU A 83 -0.41 -16.89 -17.48
C LEU A 83 -1.29 -17.39 -18.62
N ILE A 84 -2.48 -16.80 -18.78
CA ILE A 84 -3.44 -17.21 -19.79
C ILE A 84 -2.79 -17.17 -21.18
N GLU A 85 -2.14 -16.05 -21.48
CA GLU A 85 -1.52 -15.85 -22.79
C GLU A 85 -0.29 -16.73 -22.97
N THR A 86 0.34 -17.14 -21.87
CA THR A 86 1.41 -18.14 -21.89
C THR A 86 0.86 -19.53 -22.26
N LEU A 87 -0.29 -19.91 -21.70
CA LEU A 87 -0.92 -21.18 -22.01
C LEU A 87 -1.24 -21.25 -23.51
N VAL A 88 -1.74 -20.13 -24.07
CA VAL A 88 -2.22 -20.05 -25.45
C VAL A 88 -1.03 -20.10 -26.41
N ALA A 89 0.01 -19.31 -26.13
CA ALA A 89 1.26 -19.37 -26.86
C ALA A 89 1.85 -20.77 -26.85
N LEU A 90 1.47 -21.59 -25.86
CA LEU A 90 2.02 -22.93 -25.75
C LEU A 90 1.09 -23.92 -26.46
N GLY A 91 0.05 -23.40 -27.12
CA GLY A 91 -0.76 -24.17 -28.05
C GLY A 91 -2.11 -24.56 -27.49
N ALA A 92 -2.43 -24.10 -26.27
CA ALA A 92 -3.65 -24.59 -25.65
C ALA A 92 -4.84 -23.73 -26.02
N GLU A 93 -6.03 -24.32 -25.94
CA GLU A 93 -7.24 -23.53 -25.88
C GLU A 93 -7.63 -23.31 -24.43
N VAL A 94 -8.00 -22.06 -24.13
CA VAL A 94 -8.24 -21.67 -22.75
C VAL A 94 -9.56 -20.91 -22.70
N ARG A 95 -10.35 -21.25 -21.69
CA ARG A 95 -11.52 -20.49 -21.26
C ARG A 95 -11.42 -20.20 -19.76
N TRP A 96 -11.78 -18.98 -19.34
CA TRP A 96 -11.41 -18.56 -18.00
C TRP A 96 -12.58 -17.93 -17.25
N SER A 97 -12.58 -18.15 -15.94
CA SER A 97 -13.44 -17.47 -14.97
C SER A 97 -12.62 -17.20 -13.72
N SER A 98 -13.05 -16.19 -12.93
CA SER A 98 -12.44 -15.88 -11.65
C SER A 98 -12.94 -16.85 -10.58
N CYS A 99 -12.12 -17.08 -9.55
CA CYS A 99 -12.50 -17.95 -8.43
C CYS A 99 -12.90 -17.13 -7.19
N ASN A 100 -13.21 -15.84 -7.38
CA ASN A 100 -13.72 -15.00 -6.32
C ASN A 100 -14.52 -13.85 -6.92
N ILE A 101 -15.65 -13.55 -6.27
CA ILE A 101 -16.58 -12.55 -6.78
C ILE A 101 -16.01 -11.13 -6.77
N PHE A 102 -14.95 -10.88 -5.97
CA PHE A 102 -14.42 -9.52 -5.84
C PHE A 102 -13.03 -9.33 -6.47
N SER A 103 -12.41 -10.44 -6.94
CA SER A 103 -10.99 -10.41 -7.22
C SER A 103 -10.64 -9.92 -8.62
N THR A 104 -11.53 -10.12 -9.59
CA THR A 104 -11.31 -9.71 -10.98
C THR A 104 -10.87 -8.24 -11.10
N GLN A 105 -9.89 -8.02 -11.97
CA GLN A 105 -9.43 -6.71 -12.41
C GLN A 105 -9.95 -6.48 -13.82
N ASP A 106 -10.88 -5.53 -13.97
CA ASP A 106 -11.75 -5.46 -15.13
C ASP A 106 -10.93 -5.12 -16.37
N HIS A 107 -9.88 -4.32 -16.17
CA HIS A 107 -9.05 -3.92 -17.28
C HIS A 107 -8.26 -5.13 -17.77
N ALA A 108 -7.82 -5.96 -16.82
CA ALA A 108 -7.17 -7.22 -17.17
C ALA A 108 -8.13 -8.11 -17.96
N ALA A 109 -9.38 -8.25 -17.50
CA ALA A 109 -10.29 -9.16 -18.16
C ALA A 109 -10.57 -8.67 -19.57
N ALA A 110 -10.69 -7.33 -19.69
CA ALA A 110 -10.91 -6.66 -20.96
C ALA A 110 -9.82 -7.02 -21.97
N ALA A 111 -8.53 -7.00 -21.56
CA ALA A 111 -7.41 -7.24 -22.45
C ALA A 111 -7.44 -8.65 -23.06
N ILE A 112 -7.63 -9.66 -22.20
CA ILE A 112 -7.82 -11.06 -22.55
C ILE A 112 -8.99 -11.24 -23.53
N ALA A 113 -10.10 -10.55 -23.30
CA ALA A 113 -11.29 -10.68 -24.14
C ALA A 113 -11.04 -10.06 -25.51
N LYS A 114 -10.47 -8.86 -25.51
CA LYS A 114 -10.11 -8.16 -26.72
C LYS A 114 -9.07 -8.96 -27.48
N ALA A 115 -8.18 -9.67 -26.77
CA ALA A 115 -7.19 -10.51 -27.43
C ALA A 115 -7.86 -11.69 -28.13
N GLY A 116 -9.12 -12.00 -27.78
CA GLY A 116 -9.86 -13.05 -28.44
C GLY A 116 -9.97 -14.31 -27.58
N ILE A 117 -9.68 -14.16 -26.28
CA ILE A 117 -9.75 -15.30 -25.39
C ILE A 117 -11.06 -15.21 -24.60
N PRO A 118 -11.86 -16.31 -24.57
CA PRO A 118 -13.11 -16.34 -23.81
C PRO A 118 -12.90 -16.23 -22.32
N VAL A 119 -13.34 -15.10 -21.76
CA VAL A 119 -13.19 -14.87 -20.34
C VAL A 119 -14.54 -14.41 -19.79
N PHE A 120 -14.91 -14.97 -18.65
CA PHE A 120 -16.17 -14.65 -18.00
C PHE A 120 -15.89 -14.18 -16.57
N ALA A 121 -15.69 -12.86 -16.41
CA ALA A 121 -15.12 -12.33 -15.18
C ALA A 121 -15.34 -10.82 -15.07
N TRP A 122 -15.70 -10.39 -13.84
CA TRP A 122 -15.89 -8.98 -13.50
C TRP A 122 -15.98 -8.84 -11.99
N LYS A 123 -15.50 -7.67 -11.50
CA LYS A 123 -15.45 -7.32 -10.09
C LYS A 123 -16.88 -7.13 -9.59
N GLY A 124 -17.23 -7.86 -8.52
CA GLY A 124 -18.52 -7.69 -7.86
C GLY A 124 -19.61 -8.51 -8.55
N GLU A 125 -19.35 -9.82 -8.73
CA GLU A 125 -20.34 -10.73 -9.28
C GLU A 125 -21.33 -11.09 -8.18
N THR A 126 -22.50 -11.62 -8.55
CA THR A 126 -23.39 -12.24 -7.59
C THR A 126 -23.02 -13.71 -7.49
N ASP A 127 -23.55 -14.42 -6.48
CA ASP A 127 -23.18 -15.81 -6.28
C ASP A 127 -23.64 -16.62 -7.48
N GLU A 128 -24.74 -16.19 -8.12
CA GLU A 128 -25.25 -16.87 -9.30
C GLU A 128 -24.44 -16.50 -10.56
N GLU A 129 -24.01 -15.24 -10.71
CA GLU A 129 -23.22 -14.89 -11.88
C GLU A 129 -21.89 -15.64 -11.83
N TYR A 130 -21.47 -15.97 -10.61
CA TYR A 130 -20.22 -16.66 -10.32
C TYR A 130 -20.27 -18.08 -10.91
N LEU A 131 -21.27 -18.89 -10.50
CA LEU A 131 -21.47 -20.22 -11.04
C LEU A 131 -21.69 -20.16 -12.55
N TRP A 132 -22.46 -19.16 -13.02
CA TRP A 132 -22.67 -19.00 -14.44
C TRP A 132 -21.34 -18.92 -15.20
N CYS A 133 -20.48 -17.96 -14.81
CA CYS A 133 -19.18 -17.73 -15.42
C CYS A 133 -18.39 -19.03 -15.55
N ILE A 134 -18.30 -19.78 -14.42
CA ILE A 134 -17.55 -21.02 -14.35
C ILE A 134 -18.05 -22.00 -15.41
N GLU A 135 -19.38 -22.06 -15.62
CA GLU A 135 -19.99 -23.02 -16.50
C GLU A 135 -19.68 -22.68 -17.97
N GLN A 136 -19.49 -21.39 -18.26
CA GLN A 136 -19.15 -20.95 -19.61
C GLN A 136 -17.72 -21.37 -19.97
N THR A 137 -16.99 -21.95 -19.01
CA THR A 137 -15.64 -22.39 -19.35
C THR A 137 -15.62 -23.86 -19.78
N LEU A 138 -16.76 -24.54 -19.73
CA LEU A 138 -16.75 -25.98 -19.79
C LEU A 138 -16.72 -26.52 -21.24
N HIS A 139 -17.21 -25.74 -22.21
CA HIS A 139 -17.39 -26.26 -23.55
C HIS A 139 -16.62 -25.43 -24.56
N PHE A 140 -15.86 -26.12 -25.43
CA PHE A 140 -15.01 -25.50 -26.43
C PHE A 140 -15.60 -25.79 -27.80
N LYS A 141 -15.05 -25.16 -28.85
CA LYS A 141 -15.43 -25.44 -30.23
C LYS A 141 -15.33 -26.93 -30.54
N ASP A 142 -14.31 -27.62 -29.99
CA ASP A 142 -14.05 -28.98 -30.42
C ASP A 142 -14.60 -29.99 -29.42
N GLY A 143 -15.16 -29.55 -28.27
CA GLY A 143 -15.66 -30.49 -27.28
C GLY A 143 -15.54 -30.01 -25.83
N PRO A 144 -15.90 -30.85 -24.82
CA PRO A 144 -15.66 -30.50 -23.42
C PRO A 144 -14.18 -30.26 -23.09
N LEU A 145 -13.96 -29.65 -21.91
CA LEU A 145 -12.66 -29.35 -21.37
C LEU A 145 -11.93 -30.66 -21.09
N ASN A 146 -10.60 -30.58 -21.05
CA ASN A 146 -9.82 -31.79 -20.82
C ASN A 146 -8.68 -31.50 -19.85
N MET A 147 -8.56 -30.23 -19.43
CA MET A 147 -7.62 -29.84 -18.39
C MET A 147 -8.28 -28.81 -17.47
N ILE A 148 -7.90 -28.86 -16.20
CA ILE A 148 -8.43 -27.95 -15.19
C ILE A 148 -7.25 -27.26 -14.53
N LEU A 149 -7.28 -25.91 -14.54
CA LEU A 149 -6.38 -25.11 -13.72
C LEU A 149 -7.25 -24.37 -12.69
N ASP A 150 -7.16 -24.80 -11.42
CA ASP A 150 -8.12 -24.40 -10.39
C ASP A 150 -7.38 -23.69 -9.25
N ASP A 151 -8.03 -22.68 -8.65
CA ASP A 151 -7.57 -22.05 -7.42
C ASP A 151 -8.71 -22.07 -6.42
N GLY A 152 -8.68 -23.05 -5.51
CA GLY A 152 -9.62 -23.12 -4.40
C GLY A 152 -10.59 -24.31 -4.45
N GLY A 153 -10.57 -25.07 -5.55
CA GLY A 153 -11.30 -26.32 -5.62
C GLY A 153 -12.68 -26.16 -6.25
N ASP A 154 -13.05 -24.94 -6.62
CA ASP A 154 -14.42 -24.66 -7.04
C ASP A 154 -14.78 -25.34 -8.37
N LEU A 155 -13.87 -25.26 -9.34
CA LEU A 155 -14.11 -25.85 -10.64
C LEU A 155 -13.99 -27.38 -10.53
N THR A 156 -13.03 -27.84 -9.72
CA THR A 156 -12.85 -29.23 -9.41
C THR A 156 -14.12 -29.82 -8.83
N ASN A 157 -14.70 -29.14 -7.83
CA ASN A 157 -15.84 -29.70 -7.13
C ASN A 157 -17.07 -29.65 -8.03
N LEU A 158 -17.15 -28.59 -8.82
CA LEU A 158 -18.32 -28.41 -9.66
C LEU A 158 -18.42 -29.59 -10.63
N ILE A 159 -17.28 -30.03 -11.17
CA ILE A 159 -17.29 -31.12 -12.13
C ILE A 159 -17.58 -32.46 -11.45
N HIS A 160 -16.92 -32.73 -10.34
CA HIS A 160 -17.12 -33.99 -9.61
C HIS A 160 -18.59 -34.17 -9.19
N THR A 161 -19.30 -33.09 -8.83
CA THR A 161 -20.63 -33.28 -8.25
C THR A 161 -21.72 -32.90 -9.24
N LYS A 162 -21.50 -31.88 -10.07
CA LYS A 162 -22.58 -31.50 -10.97
C LYS A 162 -22.45 -32.17 -12.35
N TYR A 163 -21.22 -32.29 -12.88
CA TYR A 163 -21.07 -32.80 -14.23
C TYR A 163 -20.15 -34.01 -14.31
N PRO A 164 -20.36 -35.08 -13.50
CA PRO A 164 -19.44 -36.21 -13.51
C PRO A 164 -19.21 -36.84 -14.89
N GLN A 165 -20.19 -36.69 -15.79
CA GLN A 165 -20.12 -37.32 -17.11
C GLN A 165 -18.95 -36.78 -17.92
N LEU A 166 -18.30 -35.71 -17.41
CA LEU A 166 -17.22 -35.05 -18.12
C LEU A 166 -15.86 -35.45 -17.56
N LEU A 167 -15.86 -36.26 -16.50
CA LEU A 167 -14.66 -36.62 -15.76
C LEU A 167 -13.72 -37.51 -16.57
N SER A 168 -14.27 -38.42 -17.40
CA SER A 168 -13.47 -39.40 -18.15
C SER A 168 -12.68 -38.72 -19.27
N GLY A 169 -13.08 -37.50 -19.67
CA GLY A 169 -12.42 -36.75 -20.71
C GLY A 169 -11.48 -35.66 -20.17
N ILE A 170 -11.15 -35.70 -18.88
CA ILE A 170 -10.20 -34.73 -18.32
C ILE A 170 -8.89 -35.42 -17.93
N ARG A 171 -7.79 -34.98 -18.52
CA ARG A 171 -6.49 -35.58 -18.28
C ARG A 171 -5.93 -35.18 -16.90
N GLY A 172 -6.14 -33.92 -16.46
CA GLY A 172 -5.60 -33.55 -15.16
C GLY A 172 -6.12 -32.23 -14.60
N ILE A 173 -5.83 -32.04 -13.30
CA ILE A 173 -6.08 -30.83 -12.55
C ILE A 173 -4.75 -30.35 -12.00
N SER A 174 -4.57 -29.02 -12.00
CA SER A 174 -3.54 -28.42 -11.17
C SER A 174 -4.18 -27.36 -10.26
N GLU A 175 -3.74 -27.34 -8.98
CA GLU A 175 -4.38 -26.59 -7.91
C GLU A 175 -3.37 -25.64 -7.23
N GLU A 176 -3.79 -24.40 -7.10
CA GLU A 176 -2.94 -23.27 -6.77
C GLU A 176 -2.81 -23.09 -5.26
N THR A 177 -3.92 -23.18 -4.50
CA THR A 177 -3.93 -22.68 -3.14
C THR A 177 -4.10 -23.80 -2.12
N THR A 178 -3.68 -23.51 -0.88
CA THR A 178 -3.59 -24.46 0.22
C THR A 178 -4.96 -25.03 0.60
N THR A 179 -6.01 -24.22 0.50
CA THR A 179 -7.34 -24.76 0.80
C THR A 179 -7.76 -25.77 -0.28
N GLY A 180 -7.47 -25.43 -1.55
CA GLY A 180 -7.83 -26.27 -2.68
C GLY A 180 -7.18 -27.65 -2.60
N VAL A 181 -5.91 -27.69 -2.14
CA VAL A 181 -5.16 -28.93 -2.19
C VAL A 181 -5.61 -29.76 -0.99
N HIS A 182 -5.91 -29.07 0.12
CA HIS A 182 -6.43 -29.72 1.29
C HIS A 182 -7.61 -30.59 0.85
N ASN A 183 -8.47 -29.98 0.03
CA ASN A 183 -9.73 -30.56 -0.40
C ASN A 183 -9.44 -31.76 -1.31
N LEU A 184 -8.41 -31.60 -2.13
CA LEU A 184 -7.97 -32.60 -3.07
C LEU A 184 -7.59 -33.86 -2.28
N TYR A 185 -6.79 -33.70 -1.21
CA TYR A 185 -6.40 -34.79 -0.33
C TYR A 185 -7.63 -35.46 0.29
N LYS A 186 -8.61 -34.66 0.74
CA LYS A 186 -9.78 -35.23 1.38
C LYS A 186 -10.61 -36.01 0.36
N MET A 187 -10.66 -35.51 -0.89
CA MET A 187 -11.37 -36.19 -1.96
C MET A 187 -10.77 -37.57 -2.18
N MET A 188 -9.43 -37.61 -2.28
CA MET A 188 -8.60 -38.76 -2.61
C MET A 188 -8.73 -39.83 -1.53
N SER A 189 -8.66 -39.44 -0.26
CA SER A 189 -8.71 -40.44 0.78
C SER A 189 -10.15 -40.89 1.04
N ASN A 190 -11.14 -40.23 0.41
CA ASN A 190 -12.54 -40.66 0.47
C ASN A 190 -12.98 -41.44 -0.78
N GLY A 191 -12.06 -41.62 -1.75
CA GLY A 191 -12.27 -42.43 -2.94
C GLY A 191 -13.06 -41.67 -4.00
N ILE A 192 -13.27 -40.37 -3.79
CA ILE A 192 -14.18 -39.64 -4.65
C ILE A 192 -13.46 -38.76 -5.68
N LEU A 193 -12.12 -38.71 -5.67
CA LEU A 193 -11.39 -37.99 -6.71
C LEU A 193 -11.15 -38.90 -7.91
N LYS A 194 -11.37 -38.39 -9.14
CA LYS A 194 -11.45 -39.24 -10.33
C LYS A 194 -10.48 -38.78 -11.41
N VAL A 195 -9.81 -37.65 -11.17
CA VAL A 195 -8.86 -37.06 -12.10
C VAL A 195 -7.54 -36.88 -11.34
N PRO A 196 -6.39 -37.22 -11.98
CA PRO A 196 -5.07 -36.94 -11.40
C PRO A 196 -4.78 -35.44 -11.23
N ALA A 197 -4.21 -35.08 -10.08
CA ALA A 197 -4.08 -33.70 -9.64
C ALA A 197 -2.64 -33.41 -9.22
N ILE A 198 -2.06 -32.34 -9.77
CA ILE A 198 -0.81 -31.85 -9.22
C ILE A 198 -1.14 -30.77 -8.19
N ASN A 199 -0.52 -30.90 -7.00
CA ASN A 199 -0.50 -29.91 -5.93
C ASN A 199 0.57 -28.87 -6.27
N VAL A 200 0.15 -27.72 -6.82
CA VAL A 200 1.08 -26.64 -7.16
C VAL A 200 1.37 -25.79 -5.92
N ASN A 201 0.43 -25.71 -4.96
CA ASN A 201 0.58 -24.88 -3.78
C ASN A 201 1.87 -25.24 -3.06
N ASP A 202 2.16 -26.55 -2.99
CA ASP A 202 3.18 -27.12 -2.14
C ASP A 202 4.49 -27.37 -2.91
N SER A 203 4.58 -26.90 -4.17
CA SER A 203 5.89 -26.55 -4.71
C SER A 203 6.52 -25.55 -3.75
N VAL A 204 7.81 -25.73 -3.46
CA VAL A 204 8.46 -24.82 -2.54
C VAL A 204 8.50 -23.41 -3.14
N THR A 205 8.63 -23.33 -4.47
CA THR A 205 8.74 -22.04 -5.13
C THR A 205 7.37 -21.36 -5.18
N LYS A 206 6.35 -22.07 -4.67
CA LYS A 206 5.03 -21.46 -4.49
C LYS A 206 4.80 -21.11 -3.01
N SER A 207 4.66 -22.12 -2.16
CA SER A 207 4.23 -21.98 -0.77
C SER A 207 5.15 -21.07 0.04
N LYS A 208 6.47 -21.13 -0.20
CA LYS A 208 7.41 -20.33 0.57
C LYS A 208 7.67 -19.00 -0.12
N PHE A 209 7.01 -18.76 -1.27
CA PHE A 209 7.19 -17.48 -1.94
C PHE A 209 5.87 -16.74 -2.02
N ASP A 210 4.91 -17.30 -2.78
CA ASP A 210 3.63 -16.67 -3.02
C ASP A 210 2.94 -16.41 -1.69
N ASN A 211 2.64 -17.50 -0.98
CA ASN A 211 1.95 -17.44 0.31
C ASN A 211 2.68 -16.52 1.28
N LEU A 212 4.03 -16.57 1.35
CA LEU A 212 4.79 -15.83 2.35
C LEU A 212 5.04 -14.39 1.92
N TYR A 213 5.77 -14.17 0.84
CA TYR A 213 6.20 -12.81 0.52
C TYR A 213 5.13 -12.08 -0.26
N GLY A 214 4.31 -12.84 -0.96
CA GLY A 214 3.18 -12.21 -1.61
C GLY A 214 2.32 -11.46 -0.60
N CYS A 215 1.80 -12.20 0.39
CA CYS A 215 0.92 -11.62 1.41
C CYS A 215 1.64 -10.53 2.19
N ARG A 216 2.95 -10.69 2.37
CA ARG A 216 3.74 -9.67 3.02
C ARG A 216 3.56 -8.33 2.34
N GLU A 217 3.30 -8.32 1.03
CA GLU A 217 3.14 -7.06 0.32
C GLU A 217 1.68 -6.73 -0.02
N SER A 218 0.81 -7.74 -0.12
CA SER A 218 -0.53 -7.45 -0.62
C SER A 218 -1.53 -7.25 0.51
N LEU A 219 -1.29 -7.86 1.69
CA LEU A 219 -2.18 -7.60 2.81
C LEU A 219 -2.21 -6.12 3.15
N ILE A 220 -1.05 -5.47 3.28
CA ILE A 220 -1.09 -4.11 3.78
C ILE A 220 -1.66 -3.22 2.69
N ASP A 221 -1.39 -3.57 1.43
CA ASP A 221 -1.93 -2.87 0.26
C ASP A 221 -3.44 -2.75 0.40
N GLY A 222 -4.06 -3.91 0.64
CA GLY A 222 -5.49 -4.08 0.74
C GLY A 222 -6.08 -3.28 1.91
N ILE A 223 -5.48 -3.40 3.11
CA ILE A 223 -5.94 -2.59 4.24
C ILE A 223 -5.85 -1.11 3.90
N LYS A 224 -4.73 -0.69 3.29
CA LYS A 224 -4.46 0.72 3.09
C LYS A 224 -5.44 1.31 2.09
N ARG A 225 -5.69 0.58 1.00
CA ARG A 225 -6.59 1.09 -0.01
C ARG A 225 -8.00 1.22 0.54
N ALA A 226 -8.37 0.30 1.45
CA ALA A 226 -9.71 0.26 2.01
C ALA A 226 -9.95 1.38 3.04
N THR A 227 -8.94 1.72 3.85
CA THR A 227 -9.19 2.41 5.10
C THR A 227 -8.15 3.51 5.35
N ASP A 228 -6.99 3.40 4.72
CA ASP A 228 -5.91 4.36 4.93
C ASP A 228 -5.51 4.50 6.40
N VAL A 229 -5.56 3.42 7.19
CA VAL A 229 -5.27 3.54 8.62
C VAL A 229 -3.75 3.53 8.82
N MET A 230 -3.31 4.13 9.92
CA MET A 230 -1.93 4.01 10.36
C MET A 230 -1.70 2.67 11.05
N ILE A 231 -0.70 1.91 10.57
CA ILE A 231 -0.33 0.64 11.18
C ILE A 231 0.48 0.93 12.44
N ALA A 232 1.40 1.89 12.35
CA ALA A 232 2.30 2.24 13.43
C ALA A 232 1.51 2.60 14.69
N GLY A 233 1.88 1.93 15.77
CA GLY A 233 1.23 2.11 17.04
C GLY A 233 0.00 1.23 17.24
N LYS A 234 -0.41 0.45 16.24
CA LYS A 234 -1.60 -0.38 16.46
C LYS A 234 -1.23 -1.69 17.13
N VAL A 235 -2.22 -2.34 17.76
CA VAL A 235 -2.13 -3.77 18.04
C VAL A 235 -2.83 -4.53 16.90
N ALA A 236 -2.14 -5.48 16.28
CA ALA A 236 -2.74 -6.18 15.16
C ALA A 236 -2.77 -7.65 15.55
N VAL A 237 -3.91 -8.30 15.37
CA VAL A 237 -4.08 -9.69 15.74
C VAL A 237 -4.19 -10.49 14.45
N VAL A 238 -3.20 -11.38 14.25
CA VAL A 238 -3.14 -12.28 13.11
C VAL A 238 -3.48 -13.68 13.60
N ALA A 239 -4.61 -14.22 13.11
CA ALA A 239 -4.97 -15.59 13.42
C ALA A 239 -4.37 -16.54 12.38
N GLY A 240 -3.57 -17.49 12.88
CA GLY A 240 -2.85 -18.47 12.06
C GLY A 240 -1.43 -17.98 11.80
N TYR A 241 -0.45 -18.89 11.90
CA TYR A 241 0.94 -18.50 11.67
C TYR A 241 1.56 -19.51 10.71
N GLY A 242 0.82 -19.88 9.66
CA GLY A 242 1.39 -20.71 8.61
C GLY A 242 2.10 -19.81 7.62
N ASP A 243 2.23 -20.24 6.36
CA ASP A 243 2.92 -19.40 5.38
C ASP A 243 2.24 -18.04 5.26
N VAL A 244 0.91 -18.00 5.16
CA VAL A 244 0.26 -16.72 4.95
C VAL A 244 0.42 -15.85 6.20
N GLY A 245 0.23 -16.44 7.40
CA GLY A 245 0.22 -15.71 8.66
C GLY A 245 1.60 -15.11 9.00
N LYS A 246 2.65 -15.86 8.62
CA LYS A 246 4.06 -15.45 8.73
C LYS A 246 4.33 -14.13 7.98
N GLY A 247 3.94 -14.09 6.67
CA GLY A 247 4.02 -12.92 5.82
C GLY A 247 3.21 -11.72 6.33
N CYS A 248 1.95 -11.96 6.74
CA CYS A 248 1.11 -10.91 7.28
C CYS A 248 1.71 -10.29 8.54
N ALA A 249 2.07 -11.15 9.49
CA ALA A 249 2.65 -10.74 10.75
C ALA A 249 3.85 -9.83 10.50
N GLN A 250 4.74 -10.27 9.62
CA GLN A 250 6.00 -9.60 9.40
C GLN A 250 5.74 -8.25 8.72
N ALA A 251 4.85 -8.21 7.73
CA ALA A 251 4.43 -6.96 7.12
C ALA A 251 3.90 -5.98 8.16
N LEU A 252 3.08 -6.45 9.11
CA LEU A 252 2.47 -5.58 10.11
C LEU A 252 3.53 -5.05 11.08
N ARG A 253 4.39 -5.94 11.55
CA ARG A 253 5.43 -5.58 12.48
C ARG A 253 6.35 -4.54 11.84
N GLY A 254 6.63 -4.69 10.53
CA GLY A 254 7.50 -3.81 9.77
C GLY A 254 7.05 -2.35 9.77
N PHE A 255 5.75 -2.15 9.98
CA PHE A 255 5.20 -0.81 9.93
C PHE A 255 5.03 -0.23 11.34
N GLY A 256 5.31 -1.03 12.38
CA GLY A 256 5.32 -0.54 13.75
C GLY A 256 4.07 -0.95 14.52
N ALA A 257 3.33 -1.93 13.99
CA ALA A 257 2.25 -2.56 14.73
C ALA A 257 2.82 -3.60 15.70
N ARG A 258 2.18 -3.71 16.86
CA ARG A 258 2.52 -4.74 17.82
C ARG A 258 1.65 -5.95 17.48
N VAL A 259 2.31 -7.05 17.16
CA VAL A 259 1.55 -8.11 16.52
C VAL A 259 1.33 -9.27 17.51
N ILE A 260 0.05 -9.67 17.60
CA ILE A 260 -0.39 -10.81 18.42
C ILE A 260 -0.93 -11.91 17.49
N ILE A 261 -0.49 -13.14 17.80
CA ILE A 261 -0.73 -14.33 16.99
C ILE A 261 -1.57 -15.28 17.81
N THR A 262 -2.46 -15.99 17.12
CA THR A 262 -3.20 -17.11 17.68
C THR A 262 -2.88 -18.31 16.80
N GLU A 263 -2.92 -19.51 17.38
CA GLU A 263 -2.52 -20.71 16.68
C GLU A 263 -3.04 -21.95 17.42
N ILE A 264 -3.31 -23.03 16.67
CA ILE A 264 -3.72 -24.33 17.19
C ILE A 264 -2.54 -25.30 17.14
N ASP A 265 -1.54 -24.98 16.30
CA ASP A 265 -0.41 -25.88 16.13
C ASP A 265 0.74 -25.43 17.01
N PRO A 266 1.18 -26.28 17.98
CA PRO A 266 2.25 -25.89 18.90
C PRO A 266 3.52 -25.52 18.14
N ILE A 267 3.80 -26.18 17.01
CA ILE A 267 5.04 -25.91 16.31
C ILE A 267 4.99 -24.47 15.75
N ASN A 268 3.88 -24.14 15.07
CA ASN A 268 3.72 -22.79 14.56
C ASN A 268 3.77 -21.78 15.69
N ALA A 269 3.18 -22.11 16.85
CA ALA A 269 3.11 -21.17 17.94
C ALA A 269 4.51 -20.87 18.49
N LEU A 270 5.33 -21.92 18.61
CA LEU A 270 6.68 -21.71 19.12
C LEU A 270 7.48 -20.85 18.15
N GLN A 271 7.35 -21.11 16.86
CA GLN A 271 7.99 -20.27 15.85
C GLN A 271 7.69 -18.82 16.13
N ALA A 272 6.39 -18.50 16.31
CA ALA A 272 5.95 -17.13 16.42
C ALA A 272 6.46 -16.52 17.73
N ALA A 273 6.46 -17.31 18.81
CA ALA A 273 7.03 -16.87 20.08
C ALA A 273 8.54 -16.64 19.96
N MET A 274 9.22 -17.45 19.12
CA MET A 274 10.66 -17.31 19.01
C MET A 274 11.01 -16.08 18.17
N GLU A 275 10.04 -15.53 17.44
CA GLU A 275 10.27 -14.38 16.59
C GLU A 275 9.91 -13.11 17.34
N GLY A 276 9.34 -13.25 18.56
CA GLY A 276 9.13 -12.11 19.41
C GLY A 276 7.67 -11.67 19.45
N TYR A 277 6.77 -12.49 18.89
CA TYR A 277 5.33 -12.22 18.95
C TYR A 277 4.68 -12.83 20.20
N GLU A 278 3.71 -12.09 20.78
CA GLU A 278 2.85 -12.66 21.81
C GLU A 278 1.83 -13.59 21.15
N VAL A 279 1.67 -14.80 21.71
CA VAL A 279 0.77 -15.79 21.15
C VAL A 279 -0.29 -16.15 22.19
N THR A 280 -1.52 -15.72 21.92
CA THR A 280 -2.61 -15.99 22.83
C THR A 280 -3.82 -16.41 21.99
N THR A 281 -4.97 -16.58 22.67
CA THR A 281 -6.26 -16.94 22.08
C THR A 281 -7.00 -15.69 21.60
N MET A 282 -7.87 -15.89 20.59
CA MET A 282 -8.75 -14.87 20.05
C MET A 282 -9.62 -14.36 21.19
N ASP A 283 -10.02 -15.26 22.10
CA ASP A 283 -10.89 -14.92 23.22
C ASP A 283 -10.25 -13.85 24.10
N GLU A 284 -8.90 -13.79 24.08
CA GLU A 284 -8.13 -12.81 24.81
C GLU A 284 -7.87 -11.62 23.89
N ALA A 285 -7.51 -11.91 22.62
CA ALA A 285 -6.90 -10.91 21.76
C ALA A 285 -7.97 -9.97 21.23
N CYS A 286 -9.22 -10.45 21.25
CA CYS A 286 -10.32 -9.64 20.75
C CYS A 286 -10.42 -8.33 21.53
N LYS A 287 -9.94 -8.32 22.79
CA LYS A 287 -10.06 -7.15 23.65
C LYS A 287 -8.91 -6.17 23.41
N GLU A 288 -7.89 -6.57 22.65
CA GLU A 288 -6.70 -5.75 22.60
C GLU A 288 -6.44 -5.21 21.19
N GLY A 289 -6.84 -5.98 20.16
CA GLY A 289 -6.48 -5.69 18.78
C GLY A 289 -7.22 -4.48 18.23
N ASN A 290 -6.58 -3.74 17.31
CA ASN A 290 -7.18 -2.65 16.55
C ASN A 290 -7.39 -3.10 15.10
N ILE A 291 -6.64 -4.12 14.72
CA ILE A 291 -6.74 -4.69 13.38
C ILE A 291 -6.72 -6.20 13.50
N PHE A 292 -7.62 -6.90 12.81
CA PHE A 292 -7.68 -8.35 12.90
C PHE A 292 -7.58 -8.92 11.49
N VAL A 293 -6.68 -9.91 11.29
CA VAL A 293 -6.43 -10.58 10.02
C VAL A 293 -6.52 -12.08 10.25
N THR A 294 -7.42 -12.74 9.51
CA THR A 294 -7.55 -14.19 9.61
C THR A 294 -6.81 -14.85 8.44
N THR A 295 -6.01 -15.88 8.76
CA THR A 295 -5.20 -16.56 7.76
C THR A 295 -5.25 -18.07 7.97
N THR A 296 -6.30 -18.55 8.62
CA THR A 296 -6.30 -19.94 9.07
C THR A 296 -6.76 -20.89 7.96
N GLY A 297 -7.68 -20.46 7.10
CA GLY A 297 -8.30 -21.40 6.16
C GLY A 297 -9.35 -22.28 6.83
N CYS A 298 -9.82 -21.87 8.02
CA CYS A 298 -10.69 -22.63 8.91
C CYS A 298 -11.88 -21.77 9.33
N VAL A 299 -12.98 -22.45 9.67
CA VAL A 299 -14.25 -21.80 9.97
C VAL A 299 -14.22 -21.21 11.40
N ASP A 300 -15.02 -20.16 11.62
CA ASP A 300 -15.38 -19.74 12.96
C ASP A 300 -14.24 -19.10 13.76
N ILE A 301 -13.46 -18.21 13.14
CA ILE A 301 -12.30 -17.64 13.80
C ILE A 301 -12.67 -16.39 14.58
N ILE A 302 -13.38 -15.44 13.96
CA ILE A 302 -13.86 -14.28 14.68
C ILE A 302 -15.39 -14.28 14.76
N LEU A 303 -15.93 -14.32 15.98
CA LEU A 303 -17.34 -14.52 16.23
C LEU A 303 -17.94 -13.31 16.95
N GLY A 304 -19.27 -13.35 17.13
CA GLY A 304 -20.03 -12.39 17.89
C GLY A 304 -19.42 -12.07 19.26
N ARG A 305 -19.00 -13.11 19.99
CA ARG A 305 -18.44 -12.87 21.32
C ARG A 305 -17.18 -12.01 21.22
N HIS A 306 -16.42 -12.19 20.13
CA HIS A 306 -15.23 -11.39 19.89
C HIS A 306 -15.59 -9.97 19.45
N PHE A 307 -16.50 -9.83 18.48
CA PHE A 307 -16.86 -8.52 17.96
C PHE A 307 -17.31 -7.60 19.08
N GLU A 308 -18.07 -8.16 20.02
CA GLU A 308 -18.63 -7.41 21.15
C GLU A 308 -17.56 -6.93 22.12
N GLN A 309 -16.33 -7.45 22.05
CA GLN A 309 -15.32 -6.99 23.00
C GLN A 309 -14.25 -6.13 22.34
N MET A 310 -14.42 -5.81 21.05
CA MET A 310 -13.35 -5.15 20.30
C MET A 310 -13.32 -3.64 20.55
N LYS A 311 -12.13 -3.05 20.35
CA LYS A 311 -11.98 -1.61 20.47
C LYS A 311 -12.79 -0.91 19.37
N ASP A 312 -13.16 0.33 19.65
CA ASP A 312 -13.88 1.17 18.72
C ASP A 312 -13.12 1.26 17.40
N ASP A 313 -13.85 1.07 16.29
CA ASP A 313 -13.29 1.15 14.94
C ASP A 313 -12.24 0.08 14.62
N ALA A 314 -12.25 -1.06 15.32
CA ALA A 314 -11.45 -2.19 14.92
C ALA A 314 -11.62 -2.42 13.42
N ILE A 315 -10.52 -2.74 12.73
CA ILE A 315 -10.63 -3.20 11.36
C ILE A 315 -10.56 -4.74 11.35
N VAL A 316 -11.47 -5.37 10.59
CA VAL A 316 -11.57 -6.82 10.55
C VAL A 316 -11.59 -7.26 9.08
N CYS A 317 -10.67 -8.15 8.72
CA CYS A 317 -10.59 -8.61 7.34
C CYS A 317 -10.01 -10.02 7.28
N ASN A 318 -10.32 -10.71 6.19
CA ASN A 318 -9.85 -12.07 6.07
C ASN A 318 -8.98 -12.19 4.83
N ILE A 319 -7.95 -13.04 4.91
CA ILE A 319 -7.06 -13.24 3.78
C ILE A 319 -6.98 -14.72 3.38
N GLY A 320 -7.67 -15.59 4.11
CA GLY A 320 -7.71 -17.00 3.76
C GLY A 320 -8.61 -17.20 2.54
N HIS A 321 -8.60 -18.37 1.91
CA HIS A 321 -9.24 -18.51 0.59
C HIS A 321 -10.77 -18.32 0.59
N PHE A 322 -11.49 -18.82 1.62
CA PHE A 322 -12.94 -18.66 1.63
C PHE A 322 -13.32 -17.75 2.77
N ASP A 323 -14.47 -17.08 2.60
CA ASP A 323 -15.01 -16.15 3.58
C ASP A 323 -15.89 -16.90 4.59
N VAL A 324 -15.26 -17.69 5.45
CA VAL A 324 -15.95 -18.49 6.46
C VAL A 324 -15.33 -18.18 7.82
N GLU A 325 -14.24 -17.40 7.80
CA GLU A 325 -13.43 -17.26 9.01
C GLU A 325 -14.05 -16.23 9.94
N ILE A 326 -14.71 -15.23 9.36
CA ILE A 326 -15.33 -14.13 10.09
C ILE A 326 -16.84 -14.29 10.04
N ASP A 327 -17.50 -14.13 11.19
CA ASP A 327 -18.95 -14.25 11.26
C ASP A 327 -19.59 -12.95 10.81
N VAL A 328 -19.69 -12.80 9.49
CA VAL A 328 -20.19 -11.60 8.85
C VAL A 328 -21.72 -11.55 8.98
N LYS A 329 -22.35 -12.72 8.97
CA LYS A 329 -23.78 -12.80 9.22
C LYS A 329 -24.13 -12.17 10.58
N TRP A 330 -23.34 -12.47 11.62
CA TRP A 330 -23.59 -11.98 12.96
C TRP A 330 -23.64 -10.45 13.00
N LEU A 331 -22.82 -9.79 12.20
CA LEU A 331 -22.77 -8.34 12.10
C LEU A 331 -24.06 -7.82 11.50
N ASN A 332 -24.47 -8.46 10.39
CA ASN A 332 -25.61 -7.99 9.60
C ASN A 332 -26.86 -8.07 10.46
N GLU A 333 -26.98 -9.17 11.20
CA GLU A 333 -28.11 -9.45 12.09
C GLU A 333 -28.05 -8.63 13.39
N ASN A 334 -26.88 -8.19 13.86
CA ASN A 334 -26.83 -7.75 15.25
C ASN A 334 -26.39 -6.29 15.39
N ALA A 335 -25.99 -5.67 14.29
CA ALA A 335 -25.61 -4.26 14.37
C ALA A 335 -26.86 -3.39 14.33
N VAL A 336 -26.87 -2.37 15.17
CA VAL A 336 -27.87 -1.33 15.13
C VAL A 336 -27.88 -0.68 13.75
N GLU A 337 -26.68 -0.41 13.22
CA GLU A 337 -26.46 0.46 12.07
C GLU A 337 -25.39 -0.19 11.20
N LYS A 338 -25.58 -0.13 9.88
CA LYS A 338 -24.63 -0.61 8.89
C LYS A 338 -24.54 0.45 7.80
N VAL A 339 -23.33 1.03 7.62
CA VAL A 339 -23.10 2.07 6.63
C VAL A 339 -21.98 1.63 5.70
N ASN A 340 -22.27 1.62 4.39
CA ASN A 340 -21.26 1.39 3.38
C ASN A 340 -20.46 2.66 3.24
N ILE A 341 -19.14 2.57 3.51
CA ILE A 341 -18.25 3.69 3.31
C ILE A 341 -17.93 3.83 1.82
N LYS A 342 -17.76 2.68 1.15
CA LYS A 342 -17.46 2.62 -0.28
C LYS A 342 -17.38 1.15 -0.69
N PRO A 343 -17.14 0.80 -1.98
CA PRO A 343 -17.08 -0.63 -2.33
C PRO A 343 -16.18 -1.41 -1.39
N GLN A 344 -16.75 -2.46 -0.82
CA GLN A 344 -16.17 -3.47 0.05
C GLN A 344 -15.63 -2.84 1.33
N VAL A 345 -16.20 -1.70 1.74
CA VAL A 345 -15.84 -1.17 3.05
C VAL A 345 -17.11 -0.86 3.86
N ASP A 346 -17.28 -1.61 4.96
CA ASP A 346 -18.52 -1.51 5.71
C ASP A 346 -18.17 -1.16 7.15
N ARG A 347 -18.93 -0.21 7.69
CA ARG A 347 -18.81 0.24 9.06
C ARG A 347 -20.12 -0.05 9.81
N TYR A 348 -20.02 -0.84 10.88
CA TYR A 348 -21.14 -1.30 11.66
C TYR A 348 -21.14 -0.58 13.02
N TRP A 349 -22.34 -0.18 13.49
CA TRP A 349 -22.51 0.30 14.86
C TRP A 349 -23.22 -0.78 15.67
N LEU A 350 -22.63 -1.18 16.80
CA LEU A 350 -23.21 -2.25 17.63
C LEU A 350 -24.01 -1.67 18.78
N LYS A 351 -24.87 -2.55 19.34
CA LYS A 351 -25.62 -2.37 20.55
C LYS A 351 -24.80 -1.53 21.53
N ASN A 352 -23.51 -1.88 21.72
CA ASN A 352 -22.64 -1.30 22.74
C ASN A 352 -22.14 0.11 22.37
N GLY A 353 -22.53 0.65 21.20
CA GLY A 353 -22.13 2.00 20.85
C GLY A 353 -20.76 2.11 20.15
N ARG A 354 -20.00 0.99 20.04
CA ARG A 354 -18.74 0.99 19.29
C ARG A 354 -18.94 0.54 17.83
N ARG A 355 -17.97 0.83 16.98
CA ARG A 355 -18.04 0.53 15.56
C ARG A 355 -17.02 -0.54 15.18
N ILE A 356 -17.35 -1.35 14.18
CA ILE A 356 -16.43 -2.30 13.55
C ILE A 356 -16.34 -1.95 12.07
N ILE A 357 -15.12 -1.80 11.51
CA ILE A 357 -14.91 -1.73 10.07
C ILE A 357 -14.60 -3.11 9.50
N LEU A 358 -15.40 -3.54 8.52
CA LEU A 358 -15.26 -4.87 7.92
C LEU A 358 -14.89 -4.71 6.46
N LEU A 359 -13.94 -5.52 6.01
CA LEU A 359 -13.32 -5.33 4.71
C LEU A 359 -13.76 -6.46 3.78
N ALA A 360 -14.28 -6.08 2.60
CA ALA A 360 -14.64 -6.98 1.51
C ALA A 360 -15.62 -8.07 1.93
N GLU A 361 -16.55 -7.71 2.84
CA GLU A 361 -17.55 -8.63 3.40
C GLU A 361 -16.93 -9.95 3.85
N GLY A 362 -15.67 -9.89 4.28
CA GLY A 362 -15.00 -11.05 4.85
C GLY A 362 -14.32 -11.93 3.80
N ARG A 363 -14.33 -11.52 2.54
CA ARG A 363 -13.63 -12.26 1.50
C ARG A 363 -12.18 -11.76 1.43
N LEU A 364 -11.34 -12.46 0.67
CA LEU A 364 -9.91 -12.20 0.45
C LEU A 364 -9.61 -10.71 0.32
N VAL A 365 -8.89 -10.13 1.29
CA VAL A 365 -8.81 -8.68 1.34
C VAL A 365 -7.76 -8.15 0.35
N ASN A 366 -6.64 -8.87 0.19
CA ASN A 366 -5.60 -8.44 -0.73
C ASN A 366 -6.14 -8.35 -2.16
N LEU A 367 -6.93 -9.36 -2.55
CA LEU A 367 -7.47 -9.41 -3.90
C LEU A 367 -8.75 -8.59 -3.98
N GLY A 368 -9.52 -8.64 -2.88
CA GLY A 368 -10.79 -7.96 -2.76
C GLY A 368 -10.65 -6.45 -2.73
N CYS A 369 -9.70 -5.93 -1.96
CA CYS A 369 -9.60 -4.47 -1.79
C CYS A 369 -8.37 -3.86 -2.47
N ALA A 370 -7.50 -4.70 -3.05
CA ALA A 370 -6.35 -4.20 -3.81
C ALA A 370 -6.17 -5.06 -5.06
N MET A 371 -4.90 -5.41 -5.35
CA MET A 371 -4.57 -5.98 -6.66
C MET A 371 -3.88 -7.33 -6.50
N GLY A 372 -4.09 -7.99 -5.35
CA GLY A 372 -3.48 -9.29 -5.12
C GLY A 372 -1.96 -9.16 -4.96
N HIS A 373 -1.27 -10.30 -5.00
CA HIS A 373 0.18 -10.27 -4.96
C HIS A 373 0.71 -9.56 -6.20
N PRO A 374 1.92 -8.97 -6.08
CA PRO A 374 2.58 -8.31 -7.21
C PRO A 374 3.06 -9.37 -8.17
N SER A 375 3.36 -8.96 -9.41
CA SER A 375 3.54 -9.85 -10.55
C SER A 375 4.82 -10.69 -10.44
N PHE A 376 5.88 -10.14 -9.84
CA PHE A 376 7.12 -10.89 -9.72
C PHE A 376 6.93 -12.24 -9.01
N VAL A 377 6.29 -12.27 -7.82
CA VAL A 377 6.14 -13.49 -7.04
C VAL A 377 5.14 -14.41 -7.72
N MET A 378 4.16 -13.79 -8.38
CA MET A 378 3.10 -14.53 -9.04
C MET A 378 3.66 -15.38 -10.19
N SER A 379 4.77 -14.90 -10.77
CA SER A 379 5.54 -15.57 -11.80
C SER A 379 6.06 -16.94 -11.32
N ASN A 380 6.40 -17.07 -10.02
CA ASN A 380 6.80 -18.35 -9.45
C ASN A 380 5.58 -19.26 -9.42
N SER A 381 4.47 -18.70 -8.92
CA SER A 381 3.23 -19.45 -8.85
C SER A 381 2.82 -19.96 -10.22
N PHE A 382 2.77 -19.05 -11.20
CA PHE A 382 2.25 -19.31 -12.54
C PHE A 382 3.18 -20.20 -13.38
N THR A 383 4.51 -20.02 -13.24
CA THR A 383 5.48 -20.93 -13.82
C THR A 383 5.23 -22.37 -13.33
N ASN A 384 5.04 -22.57 -12.01
CA ASN A 384 4.67 -23.87 -11.45
C ASN A 384 3.40 -24.42 -12.10
N GLN A 385 2.40 -23.55 -12.31
CA GLN A 385 1.16 -23.89 -12.98
C GLN A 385 1.40 -24.38 -14.43
N VAL A 386 2.21 -23.63 -15.18
CA VAL A 386 2.49 -23.99 -16.56
C VAL A 386 3.14 -25.37 -16.62
N MET A 387 4.14 -25.60 -15.77
CA MET A 387 4.87 -26.85 -15.76
C MET A 387 3.91 -27.98 -15.43
N ALA A 388 3.03 -27.73 -14.46
CA ALA A 388 2.05 -28.74 -14.07
C ALA A 388 1.14 -29.10 -15.24
N GLN A 389 0.67 -28.08 -15.99
CA GLN A 389 -0.19 -28.27 -17.14
C GLN A 389 0.54 -29.09 -18.22
N ILE A 390 1.80 -28.75 -18.50
CA ILE A 390 2.62 -29.52 -19.44
C ILE A 390 2.77 -30.96 -18.92
N GLU A 391 3.11 -31.10 -17.65
CA GLU A 391 3.32 -32.39 -17.00
C GLU A 391 2.09 -33.29 -17.18
N LEU A 392 0.90 -32.76 -16.88
CA LEU A 392 -0.34 -33.52 -16.93
C LEU A 392 -0.71 -33.77 -18.41
N TRP A 393 -0.58 -32.72 -19.23
CA TRP A 393 -1.03 -32.83 -20.60
C TRP A 393 -0.16 -33.80 -21.41
N THR A 394 1.17 -33.71 -21.25
CA THR A 394 2.20 -34.34 -22.05
C THR A 394 2.67 -35.65 -21.41
N HIS A 395 2.46 -35.85 -20.11
CA HIS A 395 3.03 -37.01 -19.44
C HIS A 395 2.00 -37.65 -18.52
N PRO A 396 0.75 -37.85 -19.01
CA PRO A 396 -0.32 -38.33 -18.18
C PRO A 396 0.02 -39.64 -17.49
N ASP A 397 0.82 -40.48 -18.13
CA ASP A 397 1.10 -41.81 -17.59
C ASP A 397 1.83 -41.66 -16.24
N LYS A 398 2.56 -40.55 -16.09
CA LYS A 398 3.35 -40.28 -14.90
C LYS A 398 2.41 -40.09 -13.72
N TYR A 399 1.14 -39.73 -14.01
CA TYR A 399 0.22 -39.17 -13.03
C TYR A 399 -1.09 -39.95 -12.93
N PRO A 400 -1.13 -41.03 -12.11
CA PRO A 400 -2.36 -41.80 -11.88
C PRO A 400 -3.28 -41.02 -10.93
N VAL A 401 -4.54 -41.43 -10.82
CA VAL A 401 -5.47 -40.72 -9.96
C VAL A 401 -4.86 -40.58 -8.56
N GLY A 402 -4.86 -39.34 -8.06
CA GLY A 402 -4.22 -39.00 -6.80
C GLY A 402 -3.66 -37.59 -6.86
N VAL A 403 -2.94 -37.20 -5.80
CA VAL A 403 -2.44 -35.84 -5.69
C VAL A 403 -0.91 -35.88 -5.74
N HIS A 404 -0.31 -35.06 -6.61
CA HIS A 404 1.11 -35.22 -6.89
C HIS A 404 1.82 -33.88 -6.73
N PHE A 405 3.08 -33.97 -6.30
CA PHE A 405 4.01 -32.86 -6.36
C PHE A 405 4.74 -32.82 -7.70
N LEU A 406 5.09 -31.59 -8.12
CA LEU A 406 6.10 -31.37 -9.14
C LEU A 406 7.41 -31.96 -8.61
N PRO A 407 8.24 -32.60 -9.47
CA PRO A 407 9.58 -33.00 -9.03
C PRO A 407 10.44 -31.80 -8.61
N LYS A 408 11.39 -32.04 -7.71
CA LYS A 408 12.17 -30.99 -7.10
C LYS A 408 13.03 -30.31 -8.17
N LYS A 409 13.35 -31.05 -9.21
CA LYS A 409 14.22 -30.52 -10.26
C LYS A 409 13.49 -29.38 -10.98
N LEU A 410 12.16 -29.51 -11.11
CA LEU A 410 11.34 -28.51 -11.77
C LEU A 410 11.13 -27.30 -10.86
N ASP A 411 10.87 -27.58 -9.58
CA ASP A 411 10.80 -26.61 -8.52
C ASP A 411 12.05 -25.71 -8.55
N GLU A 412 13.25 -26.32 -8.58
CA GLU A 412 14.53 -25.63 -8.66
C GLU A 412 14.62 -24.82 -9.94
N ALA A 413 14.10 -25.37 -11.04
CA ALA A 413 14.06 -24.67 -12.31
C ALA A 413 13.26 -23.35 -12.20
N VAL A 414 12.11 -23.37 -11.52
CA VAL A 414 11.33 -22.14 -11.50
C VAL A 414 12.11 -21.04 -10.78
N ALA A 415 12.74 -21.38 -9.64
CA ALA A 415 13.53 -20.42 -8.90
C ALA A 415 14.68 -19.86 -9.73
N GLU A 416 15.38 -20.78 -10.41
CA GLU A 416 16.51 -20.51 -11.29
C GLU A 416 16.12 -19.40 -12.26
N ALA A 417 14.92 -19.53 -12.83
CA ALA A 417 14.39 -18.71 -13.91
C ALA A 417 14.19 -17.27 -13.47
N HIS A 418 14.13 -17.04 -12.14
CA HIS A 418 13.88 -15.73 -11.57
C HIS A 418 15.15 -15.06 -11.02
N LEU A 419 16.28 -15.78 -11.01
CA LEU A 419 17.51 -15.27 -10.44
C LEU A 419 18.11 -14.16 -11.31
N GLY A 420 18.07 -14.35 -12.63
CA GLY A 420 18.62 -13.43 -13.61
C GLY A 420 18.14 -12.01 -13.39
N LYS A 421 16.85 -11.86 -13.10
CA LYS A 421 16.19 -10.57 -13.06
C LYS A 421 16.58 -9.77 -11.82
N LEU A 422 17.03 -10.46 -10.77
CA LEU A 422 17.47 -9.83 -9.54
C LEU A 422 19.00 -9.73 -9.51
N ASN A 423 19.68 -10.20 -10.56
CA ASN A 423 21.12 -10.13 -10.70
C ASN A 423 21.81 -10.97 -9.64
N VAL A 424 21.18 -12.08 -9.29
CA VAL A 424 21.73 -13.02 -8.33
C VAL A 424 22.78 -13.82 -9.10
N LYS A 425 23.96 -14.01 -8.52
CA LYS A 425 24.90 -14.95 -9.11
C LYS A 425 24.92 -16.19 -8.23
N LEU A 426 24.56 -17.34 -8.81
CA LEU A 426 24.54 -18.63 -8.14
C LEU A 426 25.94 -19.26 -8.22
N THR A 427 26.42 -19.84 -7.12
CA THR A 427 27.66 -20.61 -7.09
C THR A 427 27.40 -21.94 -7.79
N LYS A 428 28.36 -22.40 -8.62
CA LYS A 428 28.32 -23.76 -9.15
C LYS A 428 29.28 -24.62 -8.35
N LEU A 429 28.81 -25.79 -7.92
CA LEU A 429 29.59 -26.81 -7.23
C LEU A 429 30.77 -27.22 -8.12
N THR A 430 31.97 -27.39 -7.53
CA THR A 430 33.07 -28.04 -8.25
C THR A 430 32.83 -29.54 -8.24
N GLU A 431 33.61 -30.29 -9.03
CA GLU A 431 33.39 -31.73 -9.15
C GLU A 431 33.68 -32.38 -7.81
N LYS A 432 34.72 -31.87 -7.14
CA LYS A 432 35.24 -32.37 -5.88
C LYS A 432 34.17 -32.16 -4.80
N GLN A 433 33.60 -30.94 -4.81
CA GLN A 433 32.55 -30.55 -3.89
C GLN A 433 31.32 -31.45 -4.02
N ALA A 434 30.84 -31.64 -5.27
CA ALA A 434 29.65 -32.43 -5.56
C ALA A 434 29.85 -33.86 -5.05
N GLN A 435 31.09 -34.34 -5.14
CA GLN A 435 31.42 -35.67 -4.70
C GLN A 435 31.48 -35.69 -3.19
N TYR A 436 32.02 -34.63 -2.59
CA TYR A 436 32.00 -34.55 -1.13
C TYR A 436 30.57 -34.60 -0.60
N LEU A 437 29.63 -33.89 -1.24
CA LEU A 437 28.28 -33.76 -0.72
C LEU A 437 27.44 -34.93 -1.21
N GLY A 438 28.04 -35.70 -2.14
CA GLY A 438 27.42 -36.90 -2.68
C GLY A 438 26.08 -36.58 -3.34
N MET A 439 26.17 -35.68 -4.34
CA MET A 439 25.05 -34.94 -4.87
C MET A 439 25.35 -34.75 -6.35
N PRO A 440 24.33 -34.69 -7.24
CA PRO A 440 24.57 -34.37 -8.65
C PRO A 440 25.05 -32.93 -8.71
N ILE A 441 26.01 -32.65 -9.59
CA ILE A 441 26.58 -31.32 -9.67
C ILE A 441 25.48 -30.32 -10.04
N ASN A 442 24.41 -30.84 -10.66
CA ASN A 442 23.32 -30.05 -11.24
C ASN A 442 22.04 -30.10 -10.41
N GLY A 443 22.12 -30.73 -9.23
CA GLY A 443 20.93 -30.87 -8.41
C GLY A 443 20.08 -32.04 -8.87
N PRO A 444 18.96 -32.30 -8.19
CA PRO A 444 18.52 -31.47 -7.08
C PRO A 444 19.50 -31.48 -5.91
N PHE A 445 19.57 -30.36 -5.18
CA PHE A 445 20.57 -30.13 -4.15
C PHE A 445 20.02 -30.47 -2.78
N LYS A 446 18.73 -30.82 -2.70
CA LYS A 446 18.15 -31.09 -1.40
C LYS A 446 17.41 -32.42 -1.40
N PRO A 447 17.31 -33.15 -0.25
CA PRO A 447 16.45 -34.34 -0.15
C PRO A 447 14.97 -33.93 -0.13
N ASP A 448 14.09 -34.91 -0.33
CA ASP A 448 12.65 -34.66 -0.46
C ASP A 448 12.07 -34.00 0.79
N HIS A 449 12.61 -34.32 1.97
CA HIS A 449 12.01 -33.89 3.23
C HIS A 449 12.50 -32.50 3.62
N TYR A 450 13.34 -31.87 2.79
CA TYR A 450 13.91 -30.57 3.16
C TYR A 450 12.81 -29.51 3.26
N ARG A 451 12.90 -28.64 4.28
CA ARG A 451 11.83 -27.69 4.52
C ARG A 451 12.13 -26.25 4.10
N TYR A 452 13.35 -25.97 3.63
CA TYR A 452 13.83 -24.63 3.25
C TYR A 452 13.53 -23.59 4.32
N LYS B 24 -17.25 36.47 -7.55
CA LYS B 24 -16.18 35.41 -7.28
C LYS B 24 -16.72 34.25 -6.43
N LEU B 25 -16.19 33.02 -6.66
CA LEU B 25 -16.72 31.74 -6.16
C LEU B 25 -16.76 31.67 -4.63
N PRO B 26 -17.73 30.94 -4.04
CA PRO B 26 -17.68 30.64 -2.61
C PRO B 26 -16.75 29.45 -2.30
N TYR B 27 -16.34 28.75 -3.37
CA TYR B 27 -15.46 27.58 -3.34
C TYR B 27 -15.29 27.10 -4.80
N LYS B 28 -14.33 26.21 -5.01
CA LYS B 28 -14.15 25.54 -6.30
C LYS B 28 -13.54 24.15 -6.05
N VAL B 29 -14.31 23.11 -6.38
CA VAL B 29 -13.92 21.73 -6.17
C VAL B 29 -14.26 20.94 -7.43
N ALA B 30 -13.82 19.67 -7.50
CA ALA B 30 -14.06 18.84 -8.67
C ALA B 30 -15.54 18.45 -8.74
N ASP B 31 -16.18 18.24 -7.58
CA ASP B 31 -17.50 17.64 -7.48
C ASP B 31 -17.98 17.72 -6.03
N ILE B 32 -19.00 18.56 -5.79
CA ILE B 32 -19.63 18.74 -4.49
C ILE B 32 -20.41 17.47 -4.15
N GLY B 33 -20.70 16.67 -5.18
CA GLY B 33 -21.42 15.40 -5.05
C GLY B 33 -20.65 14.35 -4.26
N LEU B 34 -19.33 14.53 -4.17
CA LEU B 34 -18.52 13.57 -3.43
C LEU B 34 -18.57 13.83 -1.93
N ALA B 35 -19.41 14.78 -1.48
CA ALA B 35 -19.37 15.32 -0.12
C ALA B 35 -19.85 14.28 0.92
N ALA B 36 -20.72 13.37 0.51
CA ALA B 36 -21.30 12.45 1.48
C ALA B 36 -20.30 11.34 1.81
N TRP B 37 -19.59 10.84 0.79
CA TRP B 37 -18.46 9.93 0.98
C TRP B 37 -17.41 10.62 1.85
N GLY B 38 -17.04 11.86 1.45
CA GLY B 38 -16.05 12.66 2.14
C GLY B 38 -16.33 12.76 3.63
N ARG B 39 -17.61 12.94 3.99
CA ARG B 39 -18.02 13.04 5.39
C ARG B 39 -17.87 11.67 6.06
N LYS B 40 -18.15 10.60 5.30
CA LYS B 40 -17.89 9.28 5.85
C LYS B 40 -16.42 9.18 6.26
N ALA B 41 -15.54 9.57 5.33
CA ALA B 41 -14.10 9.50 5.51
C ALA B 41 -13.66 10.36 6.69
N LEU B 42 -14.30 11.52 6.87
CA LEU B 42 -14.01 12.47 7.95
C LEU B 42 -14.34 11.89 9.32
N ASP B 43 -15.53 11.29 9.45
CA ASP B 43 -15.98 10.64 10.68
C ASP B 43 -14.96 9.60 11.14
N ILE B 44 -14.52 8.78 10.19
CA ILE B 44 -13.50 7.78 10.44
C ILE B 44 -12.22 8.48 10.88
N ALA B 45 -11.79 9.49 10.13
CA ALA B 45 -10.52 10.14 10.39
C ALA B 45 -10.50 10.74 11.79
N GLU B 46 -11.59 11.43 12.18
CA GLU B 46 -11.58 12.12 13.46
C GLU B 46 -11.21 11.13 14.57
N ASN B 47 -11.69 9.91 14.40
CA ASN B 47 -11.51 8.88 15.40
C ASN B 47 -10.05 8.42 15.46
N GLU B 48 -9.31 8.70 14.39
CA GLU B 48 -7.89 8.41 14.38
C GLU B 48 -7.08 9.64 14.79
N MET B 49 -7.74 10.74 15.18
CA MET B 49 -7.01 12.00 15.38
C MET B 49 -7.32 12.66 16.74
N PRO B 50 -6.99 11.99 17.86
CA PRO B 50 -7.44 12.43 19.18
C PRO B 50 -6.83 13.79 19.54
N GLY B 51 -5.61 14.06 19.09
CA GLY B 51 -5.00 15.35 19.30
C GLY B 51 -5.89 16.51 18.85
N LEU B 52 -6.42 16.41 17.62
CA LEU B 52 -7.22 17.49 17.05
C LEU B 52 -8.53 17.58 17.80
N MET B 53 -9.01 16.42 18.27
CA MET B 53 -10.28 16.33 18.94
C MET B 53 -10.18 16.93 20.35
N ARG B 54 -9.04 16.70 21.00
CA ARG B 54 -8.76 17.22 22.34
C ARG B 54 -8.83 18.75 22.30
N MET B 55 -8.22 19.30 21.25
CA MET B 55 -8.18 20.70 20.90
C MET B 55 -9.60 21.24 20.82
N ARG B 56 -10.54 20.47 20.23
CA ARG B 56 -11.91 20.94 20.01
C ARG B 56 -12.70 20.91 21.31
N GLU B 57 -12.46 19.90 22.14
CA GLU B 57 -13.21 19.72 23.37
C GLU B 57 -12.67 20.73 24.38
N MET B 58 -11.54 21.34 24.03
CA MET B 58 -10.88 22.24 24.96
C MET B 58 -11.19 23.68 24.61
N TYR B 59 -11.31 23.98 23.32
CA TYR B 59 -11.34 25.38 22.93
C TYR B 59 -12.61 25.71 22.16
N SER B 60 -13.43 24.73 21.81
CA SER B 60 -14.69 25.06 21.14
C SER B 60 -15.51 26.12 21.89
N ALA B 61 -15.50 26.11 23.24
CA ALA B 61 -16.20 27.12 24.05
C ALA B 61 -15.52 28.50 24.04
N SER B 62 -14.25 28.59 24.45
CA SER B 62 -13.54 29.86 24.59
C SER B 62 -13.19 30.55 23.26
N LYS B 63 -13.11 29.80 22.15
CA LYS B 63 -12.90 30.36 20.82
C LYS B 63 -11.68 31.28 20.76
N PRO B 64 -10.45 30.76 21.03
CA PRO B 64 -9.23 31.54 20.92
C PRO B 64 -8.94 32.14 19.55
N LEU B 65 -9.57 31.60 18.51
CA LEU B 65 -9.23 32.06 17.18
C LEU B 65 -10.34 32.98 16.66
N LYS B 66 -11.25 33.35 17.57
CA LYS B 66 -12.19 34.42 17.30
C LYS B 66 -11.43 35.60 16.69
N GLY B 67 -11.85 35.99 15.48
CA GLY B 67 -11.29 37.12 14.78
C GLY B 67 -10.18 36.74 13.81
N ALA B 68 -9.59 35.56 14.00
CA ALA B 68 -8.58 35.07 13.06
C ALA B 68 -9.20 34.85 11.67
N ARG B 69 -8.42 35.21 10.65
CA ARG B 69 -8.74 34.93 9.26
C ARG B 69 -7.54 34.21 8.65
N ILE B 70 -7.56 32.87 8.80
CA ILE B 70 -6.51 31.98 8.35
C ILE B 70 -6.63 31.62 6.87
N ALA B 71 -5.64 31.98 6.06
CA ALA B 71 -5.51 31.48 4.70
C ALA B 71 -4.60 30.25 4.72
N GLY B 72 -5.14 29.13 4.23
CA GLY B 72 -4.48 27.84 4.28
C GLY B 72 -4.02 27.39 2.90
N CYS B 73 -2.72 27.09 2.81
CA CYS B 73 -2.18 26.43 1.64
C CYS B 73 -1.50 25.11 2.05
N LEU B 74 -2.23 23.99 1.94
CA LEU B 74 -1.80 22.70 2.47
C LEU B 74 -2.65 21.58 1.85
N HIS B 75 -1.99 20.50 1.40
CA HIS B 75 -2.62 19.36 0.73
C HIS B 75 -4.07 19.08 1.18
N MET B 76 -5.04 19.25 0.28
CA MET B 76 -6.47 19.16 0.63
C MET B 76 -6.94 17.69 0.72
N THR B 77 -6.59 17.07 1.84
CA THR B 77 -6.85 15.66 2.11
C THR B 77 -7.83 15.58 3.27
N VAL B 78 -8.40 14.38 3.45
CA VAL B 78 -9.27 14.03 4.56
C VAL B 78 -8.68 14.57 5.86
N GLU B 79 -7.35 14.43 6.04
CA GLU B 79 -6.66 14.80 7.27
C GLU B 79 -6.73 16.31 7.47
N THR B 80 -6.43 17.07 6.41
CA THR B 80 -6.56 18.52 6.39
C THR B 80 -8.01 18.98 6.65
N ALA B 81 -8.99 18.24 6.12
CA ALA B 81 -10.39 18.53 6.42
C ALA B 81 -10.58 18.60 7.93
N VAL B 82 -9.99 17.65 8.64
CA VAL B 82 -10.25 17.60 10.06
C VAL B 82 -9.56 18.80 10.71
N LEU B 83 -8.40 19.16 10.15
CA LEU B 83 -7.63 20.28 10.66
C LEU B 83 -8.45 21.54 10.49
N ILE B 84 -9.05 21.69 9.31
CA ILE B 84 -9.76 22.89 8.93
C ILE B 84 -10.94 23.07 9.88
N GLU B 85 -11.67 21.97 10.12
CA GLU B 85 -12.85 22.00 10.98
C GLU B 85 -12.49 22.33 12.43
N THR B 86 -11.31 21.88 12.88
CA THR B 86 -10.78 22.21 14.21
C THR B 86 -10.59 23.74 14.30
N LEU B 87 -9.82 24.29 13.36
CA LEU B 87 -9.61 25.72 13.27
C LEU B 87 -10.95 26.43 13.43
N VAL B 88 -11.94 26.01 12.63
CA VAL B 88 -13.19 26.71 12.47
C VAL B 88 -13.95 26.70 13.80
N ALA B 89 -14.01 25.53 14.45
CA ALA B 89 -14.73 25.34 15.70
C ALA B 89 -14.09 26.17 16.81
N LEU B 90 -12.85 26.62 16.57
CA LEU B 90 -12.09 27.37 17.55
C LEU B 90 -12.28 28.86 17.25
N GLY B 91 -13.16 29.17 16.29
CA GLY B 91 -13.65 30.52 16.07
C GLY B 91 -13.02 31.17 14.84
N ALA B 92 -12.03 30.52 14.23
CA ALA B 92 -11.36 31.14 13.10
C ALA B 92 -12.34 31.16 11.93
N GLU B 93 -12.10 32.06 10.98
CA GLU B 93 -12.61 31.88 9.62
C GLU B 93 -11.45 31.38 8.77
N VAL B 94 -11.76 30.57 7.77
CA VAL B 94 -10.70 29.89 7.04
C VAL B 94 -11.04 29.92 5.56
N ARG B 95 -10.03 30.15 4.71
CA ARG B 95 -10.13 29.90 3.27
C ARG B 95 -8.94 29.05 2.84
N TRP B 96 -9.19 28.03 1.99
CA TRP B 96 -8.20 26.95 1.77
C TRP B 96 -7.89 26.69 0.30
N SER B 97 -6.60 26.41 0.07
CA SER B 97 -6.11 25.86 -1.19
C SER B 97 -5.11 24.76 -0.88
N SER B 98 -4.92 23.86 -1.85
CA SER B 98 -3.91 22.83 -1.75
C SER B 98 -2.52 23.37 -2.12
N CYS B 99 -1.46 22.75 -1.57
CA CYS B 99 -0.10 23.18 -1.86
C CYS B 99 0.60 22.27 -2.86
N ASN B 100 -0.17 21.43 -3.58
CA ASN B 100 0.36 20.60 -4.65
C ASN B 100 -0.75 20.32 -5.64
N ILE B 101 -0.40 20.13 -6.91
CA ILE B 101 -1.42 20.07 -7.95
C ILE B 101 -2.11 18.71 -7.98
N PHE B 102 -1.52 17.68 -7.36
CA PHE B 102 -2.05 16.34 -7.52
C PHE B 102 -2.50 15.75 -6.18
N SER B 103 -2.40 16.53 -5.10
CA SER B 103 -2.51 15.92 -3.79
C SER B 103 -3.92 16.01 -3.22
N THR B 104 -4.75 16.92 -3.76
CA THR B 104 -6.10 17.10 -3.22
C THR B 104 -6.91 15.79 -3.27
N GLN B 105 -7.68 15.51 -2.21
CA GLN B 105 -8.66 14.44 -2.26
C GLN B 105 -10.03 15.09 -2.47
N ASP B 106 -10.66 14.75 -3.59
CA ASP B 106 -11.85 15.45 -4.07
C ASP B 106 -12.99 15.32 -3.06
N HIS B 107 -13.12 14.15 -2.42
CA HIS B 107 -14.24 13.99 -1.51
C HIS B 107 -14.02 14.78 -0.21
N ALA B 108 -12.74 14.93 0.18
CA ALA B 108 -12.42 15.72 1.37
C ALA B 108 -12.72 17.18 1.07
N ALA B 109 -12.31 17.62 -0.13
CA ALA B 109 -12.52 18.99 -0.57
C ALA B 109 -14.04 19.27 -0.59
N ALA B 110 -14.79 18.31 -1.14
CA ALA B 110 -16.22 18.52 -1.27
C ALA B 110 -16.87 18.64 0.11
N ALA B 111 -16.49 17.78 1.07
CA ALA B 111 -17.09 17.74 2.40
C ALA B 111 -16.87 19.07 3.13
N ILE B 112 -15.74 19.71 2.85
CA ILE B 112 -15.35 20.98 3.45
C ILE B 112 -16.11 22.15 2.80
N ALA B 113 -16.35 22.06 1.48
CA ALA B 113 -17.10 23.05 0.70
C ALA B 113 -18.60 22.98 1.04
N LYS B 114 -19.10 21.75 1.18
CA LYS B 114 -20.47 21.49 1.60
C LYS B 114 -20.70 22.05 3.01
N ALA B 115 -19.66 22.11 3.86
CA ALA B 115 -19.90 22.58 5.21
C ALA B 115 -19.87 24.11 5.24
N GLY B 116 -19.67 24.73 4.08
CA GLY B 116 -19.74 26.16 3.90
C GLY B 116 -18.42 26.86 4.15
N ILE B 117 -17.33 26.12 3.93
CA ILE B 117 -15.97 26.61 4.08
C ILE B 117 -15.38 26.83 2.69
N PRO B 118 -14.90 28.06 2.35
CA PRO B 118 -14.40 28.33 1.00
C PRO B 118 -13.11 27.54 0.74
N VAL B 119 -13.18 26.56 -0.17
CA VAL B 119 -12.00 25.79 -0.55
C VAL B 119 -11.86 25.73 -2.08
N PHE B 120 -10.61 25.71 -2.53
CA PHE B 120 -10.26 25.85 -3.93
C PHE B 120 -9.15 24.85 -4.21
N ALA B 121 -9.52 23.67 -4.73
CA ALA B 121 -8.62 22.54 -4.70
C ALA B 121 -9.27 21.35 -5.42
N TRP B 122 -8.52 20.72 -6.33
CA TRP B 122 -8.91 19.45 -6.92
C TRP B 122 -7.68 18.74 -7.42
N LYS B 123 -7.79 17.42 -7.55
CA LYS B 123 -6.72 16.58 -8.05
C LYS B 123 -6.52 16.88 -9.53
N GLY B 124 -5.28 17.22 -9.91
CA GLY B 124 -4.89 17.47 -11.29
C GLY B 124 -5.16 18.91 -11.76
N GLU B 125 -4.86 19.91 -10.93
CA GLU B 125 -4.83 21.31 -11.34
C GLU B 125 -3.66 21.54 -12.32
N THR B 126 -3.77 22.56 -13.17
CA THR B 126 -2.63 23.04 -13.93
C THR B 126 -1.87 24.04 -13.06
N ASP B 127 -0.70 24.49 -13.54
CA ASP B 127 0.10 25.44 -12.78
C ASP B 127 -0.65 26.76 -12.69
N GLU B 128 -1.38 27.09 -13.76
CA GLU B 128 -2.18 28.29 -13.82
C GLU B 128 -3.32 28.23 -12.80
N GLU B 129 -3.96 27.07 -12.68
CA GLU B 129 -5.10 26.89 -11.78
C GLU B 129 -4.64 26.94 -10.31
N TYR B 130 -3.49 26.30 -10.03
CA TYR B 130 -2.82 26.29 -8.74
C TYR B 130 -2.66 27.71 -8.18
N LEU B 131 -2.11 28.64 -8.99
CA LEU B 131 -1.87 29.98 -8.50
C LEU B 131 -3.21 30.69 -8.28
N TRP B 132 -4.14 30.50 -9.23
CA TRP B 132 -5.49 31.03 -9.08
C TRP B 132 -6.11 30.63 -7.73
N CYS B 133 -5.93 29.36 -7.32
CA CYS B 133 -6.59 28.86 -6.12
C CYS B 133 -6.01 29.55 -4.89
N ILE B 134 -4.69 29.73 -4.90
CA ILE B 134 -4.08 30.37 -3.74
C ILE B 134 -4.61 31.79 -3.63
N GLU B 135 -4.81 32.45 -4.77
CA GLU B 135 -5.30 33.82 -4.80
C GLU B 135 -6.68 33.94 -4.15
N GLN B 136 -7.53 32.91 -4.31
CA GLN B 136 -8.90 33.01 -3.85
C GLN B 136 -8.95 33.04 -2.32
N THR B 137 -7.82 32.74 -1.65
CA THR B 137 -7.79 32.59 -0.21
C THR B 137 -7.44 33.89 0.54
N LEU B 138 -7.12 34.97 -0.19
CA LEU B 138 -6.51 36.17 0.36
C LEU B 138 -7.57 37.08 1.00
N HIS B 139 -8.78 37.07 0.44
CA HIS B 139 -9.75 38.10 0.77
C HIS B 139 -11.00 37.47 1.38
N PHE B 140 -11.31 37.90 2.61
CA PHE B 140 -12.45 37.49 3.43
C PHE B 140 -13.51 38.61 3.40
N LYS B 141 -14.77 38.31 3.75
CA LYS B 141 -15.78 39.36 3.66
C LYS B 141 -15.33 40.60 4.45
N ASP B 142 -14.63 40.38 5.57
CA ASP B 142 -14.23 41.46 6.47
C ASP B 142 -12.85 42.04 6.13
N GLY B 143 -12.35 41.82 4.92
CA GLY B 143 -11.04 42.34 4.57
C GLY B 143 -9.96 41.25 4.42
N PRO B 144 -8.65 41.63 4.40
CA PRO B 144 -7.62 40.68 4.01
C PRO B 144 -7.32 39.65 5.11
N LEU B 145 -6.61 38.59 4.71
CA LEU B 145 -6.15 37.57 5.65
C LEU B 145 -5.28 38.20 6.73
N ASN B 146 -5.41 37.71 7.97
CA ASN B 146 -4.52 38.12 9.02
C ASN B 146 -3.72 36.91 9.57
N MET B 147 -3.80 35.74 8.94
CA MET B 147 -3.04 34.59 9.38
C MET B 147 -2.70 33.70 8.17
N ILE B 148 -1.48 33.14 8.18
CA ILE B 148 -1.03 32.20 7.16
C ILE B 148 -0.78 30.83 7.82
N LEU B 149 -1.26 29.76 7.19
CA LEU B 149 -0.90 28.40 7.58
C LEU B 149 -0.41 27.68 6.31
N ASP B 150 0.88 27.33 6.29
CA ASP B 150 1.51 27.09 5.01
C ASP B 150 2.35 25.82 5.09
N ASP B 151 2.43 25.14 3.94
CA ASP B 151 3.17 23.91 3.75
C ASP B 151 3.99 24.07 2.46
N GLY B 152 5.29 24.38 2.62
CA GLY B 152 6.15 24.55 1.46
C GLY B 152 6.47 26.01 1.13
N GLY B 153 5.67 26.95 1.67
CA GLY B 153 6.01 28.35 1.64
C GLY B 153 5.51 29.12 0.42
N ASP B 154 4.66 28.52 -0.43
CA ASP B 154 4.15 29.18 -1.62
C ASP B 154 3.22 30.35 -1.28
N LEU B 155 2.39 30.17 -0.23
CA LEU B 155 1.49 31.22 0.22
C LEU B 155 2.30 32.38 0.80
N THR B 156 3.34 32.02 1.57
CA THR B 156 4.26 32.95 2.21
C THR B 156 5.00 33.76 1.14
N ASN B 157 5.59 33.07 0.15
CA ASN B 157 6.32 33.74 -0.91
C ASN B 157 5.41 34.66 -1.71
N LEU B 158 4.18 34.20 -1.98
CA LEU B 158 3.24 34.92 -2.83
C LEU B 158 2.87 36.26 -2.19
N ILE B 159 2.68 36.30 -0.88
CA ILE B 159 2.28 37.53 -0.24
C ILE B 159 3.46 38.47 -0.03
N HIS B 160 4.66 37.93 0.22
CA HIS B 160 5.85 38.75 0.29
C HIS B 160 6.22 39.33 -1.08
N THR B 161 6.14 38.51 -2.14
CA THR B 161 6.56 38.88 -3.50
C THR B 161 5.56 39.80 -4.18
N LYS B 162 4.26 39.45 -4.10
CA LYS B 162 3.25 40.00 -5.00
C LYS B 162 2.23 40.88 -4.27
N TYR B 163 1.97 40.61 -2.98
CA TYR B 163 0.99 41.40 -2.23
C TYR B 163 1.63 41.93 -0.96
N PRO B 164 2.74 42.71 -1.01
CA PRO B 164 3.40 43.20 0.21
C PRO B 164 2.58 44.13 1.10
N GLN B 165 1.51 44.74 0.57
CA GLN B 165 0.74 45.71 1.34
C GLN B 165 -0.13 44.97 2.36
N LEU B 166 -0.14 43.63 2.27
CA LEU B 166 -1.03 42.85 3.12
C LEU B 166 -0.23 42.37 4.32
N LEU B 167 1.09 42.45 4.14
CA LEU B 167 2.07 41.97 5.10
C LEU B 167 1.78 42.50 6.51
N SER B 168 1.52 43.80 6.66
CA SER B 168 1.45 44.35 8.00
C SER B 168 0.13 44.00 8.67
N GLY B 169 -0.86 43.59 7.84
CA GLY B 169 -2.15 43.07 8.28
C GLY B 169 -2.12 41.61 8.71
N ILE B 170 -1.00 40.90 8.48
CA ILE B 170 -0.88 39.49 8.86
C ILE B 170 -0.11 39.37 10.18
N ARG B 171 -0.73 38.66 11.15
CA ARG B 171 -0.17 38.51 12.49
C ARG B 171 0.88 37.41 12.55
N GLY B 172 0.71 36.34 11.74
CA GLY B 172 1.52 35.15 11.92
C GLY B 172 1.48 34.15 10.75
N ILE B 173 2.60 33.41 10.63
CA ILE B 173 2.76 32.30 9.72
C ILE B 173 3.14 31.07 10.55
N SER B 174 2.46 29.94 10.29
CA SER B 174 2.93 28.62 10.73
C SER B 174 3.14 27.77 9.49
N GLU B 175 4.32 27.09 9.48
CA GLU B 175 4.90 26.41 8.32
C GLU B 175 5.16 24.93 8.64
N GLU B 176 4.70 24.08 7.73
CA GLU B 176 4.49 22.67 7.96
C GLU B 176 5.77 21.85 7.74
N THR B 177 6.53 22.16 6.68
CA THR B 177 7.46 21.22 6.08
C THR B 177 8.89 21.76 6.07
N THR B 178 9.82 20.81 5.95
CA THR B 178 11.25 21.08 5.93
C THR B 178 11.63 22.14 4.90
N THR B 179 11.08 22.05 3.68
CA THR B 179 11.47 22.91 2.58
C THR B 179 11.04 24.33 2.90
N GLY B 180 9.75 24.51 3.24
CA GLY B 180 9.14 25.79 3.58
C GLY B 180 9.80 26.46 4.77
N VAL B 181 10.27 25.64 5.72
CA VAL B 181 10.83 26.14 6.97
C VAL B 181 12.27 26.59 6.69
N HIS B 182 12.94 25.87 5.80
CA HIS B 182 14.26 26.21 5.31
C HIS B 182 14.19 27.57 4.63
N ASN B 183 13.10 27.79 3.88
CA ASN B 183 12.89 29.03 3.14
C ASN B 183 12.58 30.15 4.12
N LEU B 184 11.85 29.88 5.21
CA LEU B 184 11.63 30.93 6.19
C LEU B 184 12.95 31.40 6.78
N TYR B 185 13.92 30.47 6.99
CA TYR B 185 15.24 30.79 7.51
C TYR B 185 16.03 31.66 6.53
N LYS B 186 15.96 31.32 5.22
CA LYS B 186 16.63 32.10 4.19
C LYS B 186 16.02 33.50 4.16
N MET B 187 14.70 33.61 4.23
CA MET B 187 14.07 34.92 4.11
C MET B 187 14.47 35.81 5.29
N MET B 188 14.49 35.27 6.51
CA MET B 188 14.89 36.02 7.69
C MET B 188 16.32 36.54 7.53
N SER B 189 17.20 35.65 7.09
CA SER B 189 18.61 35.99 7.10
C SER B 189 18.89 36.90 5.91
N ASN B 190 17.88 37.10 5.06
CA ASN B 190 18.00 38.03 3.94
C ASN B 190 17.21 39.32 4.18
N GLY B 191 16.56 39.43 5.36
CA GLY B 191 15.72 40.57 5.71
C GLY B 191 14.46 40.67 4.85
N ILE B 192 14.02 39.55 4.27
CA ILE B 192 12.80 39.49 3.49
C ILE B 192 11.58 39.26 4.39
N LEU B 193 11.75 38.46 5.44
CA LEU B 193 10.59 37.96 6.17
C LEU B 193 10.00 39.06 7.06
N LYS B 194 8.71 39.41 6.85
CA LYS B 194 8.15 40.58 7.52
C LYS B 194 7.04 40.18 8.48
N VAL B 195 6.83 38.87 8.65
CA VAL B 195 5.82 38.39 9.59
C VAL B 195 6.48 37.40 10.55
N PRO B 196 6.17 37.38 11.87
CA PRO B 196 6.63 36.29 12.75
C PRO B 196 6.20 34.93 12.19
N ALA B 197 7.09 33.93 12.27
CA ALA B 197 6.75 32.61 11.75
C ALA B 197 6.99 31.57 12.84
N ILE B 198 6.18 30.51 12.85
CA ILE B 198 6.53 29.42 13.72
C ILE B 198 6.93 28.21 12.89
N ASN B 199 8.01 27.57 13.32
CA ASN B 199 8.57 26.44 12.62
C ASN B 199 7.92 25.16 13.16
N VAL B 200 6.85 24.73 12.50
CA VAL B 200 6.07 23.61 12.98
C VAL B 200 6.75 22.31 12.58
N ASN B 201 7.32 22.26 11.37
CA ASN B 201 8.15 21.12 10.97
C ASN B 201 9.04 20.65 12.12
N ASP B 202 9.74 21.57 12.80
CA ASP B 202 10.83 21.21 13.70
C ASP B 202 10.39 21.00 15.16
N SER B 203 9.08 21.05 15.40
CA SER B 203 8.52 20.35 16.54
C SER B 203 9.01 18.90 16.55
N VAL B 204 9.42 18.40 17.71
CA VAL B 204 9.78 16.99 17.77
C VAL B 204 8.63 16.11 17.27
N THR B 205 7.40 16.40 17.74
CA THR B 205 6.23 15.58 17.47
C THR B 205 5.83 15.66 15.99
N LYS B 206 6.50 16.54 15.24
CA LYS B 206 6.30 16.62 13.81
C LYS B 206 7.42 15.92 13.05
N SER B 207 8.58 16.57 12.94
CA SER B 207 9.72 16.07 12.19
C SER B 207 10.02 14.59 12.46
N LYS B 208 10.02 14.17 13.74
CA LYS B 208 10.49 12.84 14.01
C LYS B 208 9.32 11.84 14.05
N PHE B 209 8.17 12.23 13.49
CA PHE B 209 7.02 11.35 13.47
C PHE B 209 6.42 11.28 12.08
N ASP B 210 5.97 12.45 11.61
CA ASP B 210 5.33 12.57 10.33
C ASP B 210 6.38 12.37 9.26
N ASN B 211 7.54 13.03 9.42
CA ASN B 211 8.59 12.89 8.42
C ASN B 211 9.05 11.43 8.35
N LEU B 212 9.25 10.81 9.54
CA LEU B 212 9.74 9.46 9.67
C LEU B 212 8.67 8.41 9.38
N TYR B 213 7.67 8.31 10.26
CA TYR B 213 6.74 7.18 10.21
C TYR B 213 5.70 7.41 9.12
N GLY B 214 5.32 8.69 8.92
CA GLY B 214 4.44 9.02 7.80
C GLY B 214 4.94 8.41 6.50
N CYS B 215 6.13 8.83 6.06
CA CYS B 215 6.73 8.32 4.84
C CYS B 215 6.91 6.80 4.92
N ARG B 216 7.14 6.27 6.12
CA ARG B 216 7.33 4.83 6.23
C ARG B 216 6.10 4.10 5.69
N GLU B 217 4.91 4.70 5.83
CA GLU B 217 3.68 4.06 5.39
C GLU B 217 3.22 4.56 4.02
N SER B 218 3.48 5.84 3.69
CA SER B 218 2.81 6.40 2.53
C SER B 218 3.67 6.36 1.27
N LEU B 219 4.98 6.17 1.41
CA LEU B 219 5.80 5.97 0.22
C LEU B 219 5.43 4.68 -0.52
N ILE B 220 5.36 3.55 0.20
CA ILE B 220 5.09 2.29 -0.48
C ILE B 220 3.69 2.35 -1.06
N ASP B 221 2.78 2.96 -0.31
CA ASP B 221 1.40 3.06 -0.79
C ASP B 221 1.38 3.77 -2.16
N GLY B 222 2.16 4.85 -2.30
CA GLY B 222 2.19 5.56 -3.56
C GLY B 222 2.73 4.68 -4.67
N ILE B 223 3.88 4.03 -4.43
CA ILE B 223 4.49 3.20 -5.46
C ILE B 223 3.53 2.07 -5.87
N LYS B 224 2.96 1.42 -4.87
CA LYS B 224 2.13 0.25 -5.08
C LYS B 224 0.88 0.65 -5.88
N ARG B 225 0.22 1.75 -5.51
CA ARG B 225 -1.00 2.14 -6.20
C ARG B 225 -0.70 2.44 -7.66
N ALA B 226 0.48 3.04 -7.90
CA ALA B 226 0.87 3.51 -9.22
C ALA B 226 1.32 2.35 -10.10
N THR B 227 1.97 1.33 -9.52
CA THR B 227 2.70 0.39 -10.35
C THR B 227 2.46 -1.06 -9.95
N ASP B 228 2.05 -1.32 -8.70
CA ASP B 228 1.88 -2.68 -8.19
C ASP B 228 3.16 -3.50 -8.31
N VAL B 229 4.33 -2.83 -8.32
CA VAL B 229 5.58 -3.53 -8.43
C VAL B 229 5.82 -4.28 -7.12
N MET B 230 6.59 -5.38 -7.19
CA MET B 230 7.05 -6.11 -6.03
C MET B 230 8.30 -5.44 -5.46
N ILE B 231 8.27 -5.10 -4.17
CA ILE B 231 9.45 -4.55 -3.51
C ILE B 231 10.51 -5.64 -3.27
N ALA B 232 10.07 -6.81 -2.81
CA ALA B 232 10.97 -7.88 -2.42
C ALA B 232 11.91 -8.23 -3.57
N GLY B 233 13.20 -8.37 -3.26
CA GLY B 233 14.21 -8.73 -4.24
C GLY B 233 14.72 -7.58 -5.09
N LYS B 234 14.18 -6.36 -4.95
CA LYS B 234 14.64 -5.25 -5.78
C LYS B 234 15.79 -4.54 -5.09
N VAL B 235 16.58 -3.79 -5.86
CA VAL B 235 17.53 -2.86 -5.28
C VAL B 235 16.84 -1.51 -5.31
N ALA B 236 16.62 -0.90 -4.15
CA ALA B 236 15.98 0.41 -4.12
C ALA B 236 17.00 1.45 -3.73
N VAL B 237 17.09 2.54 -4.50
CA VAL B 237 18.07 3.57 -4.20
C VAL B 237 17.33 4.74 -3.61
N VAL B 238 17.74 5.17 -2.41
CA VAL B 238 17.11 6.28 -1.73
C VAL B 238 18.11 7.41 -1.61
N ALA B 239 17.84 8.53 -2.31
CA ALA B 239 18.70 9.70 -2.23
C ALA B 239 18.26 10.55 -1.04
N GLY B 240 19.22 10.77 -0.14
CA GLY B 240 18.99 11.50 1.09
C GLY B 240 18.67 10.53 2.23
N TYR B 241 19.11 10.92 3.44
CA TYR B 241 18.82 10.07 4.58
C TYR B 241 18.53 10.93 5.80
N GLY B 242 17.87 12.06 5.57
CA GLY B 242 17.23 12.84 6.63
C GLY B 242 16.02 12.06 7.18
N ASP B 243 15.06 12.80 7.76
CA ASP B 243 13.93 12.15 8.38
C ASP B 243 13.10 11.41 7.34
N VAL B 244 12.92 12.01 6.16
CA VAL B 244 12.08 11.35 5.18
C VAL B 244 12.82 10.11 4.67
N GLY B 245 14.12 10.25 4.42
CA GLY B 245 14.94 9.18 3.87
C GLY B 245 14.98 7.98 4.82
N LYS B 246 15.09 8.26 6.13
CA LYS B 246 15.17 7.20 7.10
C LYS B 246 13.92 6.32 7.02
N GLY B 247 12.76 6.97 6.83
CA GLY B 247 11.45 6.31 6.85
C GLY B 247 11.21 5.50 5.59
N CYS B 248 11.58 6.11 4.45
CA CYS B 248 11.47 5.46 3.15
C CYS B 248 12.36 4.23 3.11
N ALA B 249 13.60 4.39 3.62
CA ALA B 249 14.57 3.30 3.62
C ALA B 249 14.07 2.12 4.44
N GLN B 250 13.54 2.41 5.63
CA GLN B 250 13.08 1.38 6.54
C GLN B 250 11.92 0.65 5.88
N ALA B 251 11.01 1.40 5.24
CA ALA B 251 9.84 0.82 4.62
C ALA B 251 10.25 -0.22 3.56
N LEU B 252 11.10 0.19 2.58
CA LEU B 252 11.59 -0.66 1.51
C LEU B 252 12.43 -1.84 2.03
N ARG B 253 13.30 -1.61 3.01
CA ARG B 253 14.01 -2.67 3.71
C ARG B 253 13.02 -3.72 4.21
N GLY B 254 11.93 -3.26 4.87
CA GLY B 254 11.01 -4.13 5.57
C GLY B 254 10.34 -5.14 4.64
N PHE B 255 10.19 -4.76 3.37
CA PHE B 255 9.53 -5.61 2.40
C PHE B 255 10.53 -6.44 1.61
N GLY B 256 11.84 -6.34 1.95
CA GLY B 256 12.82 -7.19 1.32
C GLY B 256 13.53 -6.55 0.13
N ALA B 257 13.44 -5.21 -0.02
CA ALA B 257 14.29 -4.56 -1.00
C ALA B 257 15.69 -4.47 -0.42
N ARG B 258 16.70 -4.41 -1.28
CA ARG B 258 18.04 -4.07 -0.82
C ARG B 258 18.22 -2.59 -1.10
N VAL B 259 18.49 -1.83 -0.03
CA VAL B 259 18.38 -0.37 -0.12
C VAL B 259 19.78 0.23 -0.12
N ILE B 260 20.04 1.08 -1.13
CA ILE B 260 21.25 1.86 -1.21
C ILE B 260 20.89 3.32 -0.95
N ILE B 261 21.68 3.98 -0.09
CA ILE B 261 21.47 5.38 0.28
C ILE B 261 22.56 6.23 -0.39
N THR B 262 22.22 7.45 -0.80
CA THR B 262 23.19 8.49 -1.10
C THR B 262 23.03 9.67 -0.14
N GLU B 263 24.15 10.29 0.27
CA GLU B 263 24.11 11.40 1.22
C GLU B 263 25.28 12.33 0.95
N ILE B 264 25.13 13.60 1.38
CA ILE B 264 26.17 14.62 1.38
C ILE B 264 26.63 14.88 2.81
N ASP B 265 25.76 14.56 3.77
CA ASP B 265 26.08 14.81 5.16
C ASP B 265 26.77 13.57 5.74
N PRO B 266 28.02 13.71 6.29
CA PRO B 266 28.77 12.54 6.78
C PRO B 266 28.12 11.90 8.01
N ILE B 267 27.39 12.74 8.77
CA ILE B 267 26.67 12.23 9.92
C ILE B 267 25.56 11.28 9.44
N ASN B 268 24.64 11.81 8.60
CA ASN B 268 23.57 10.98 8.06
C ASN B 268 24.17 9.76 7.35
N ALA B 269 25.29 9.96 6.64
CA ALA B 269 25.90 8.88 5.89
C ALA B 269 26.36 7.75 6.83
N LEU B 270 27.01 8.13 7.94
CA LEU B 270 27.48 7.17 8.92
C LEU B 270 26.31 6.47 9.60
N GLN B 271 25.23 7.21 9.88
CA GLN B 271 24.02 6.60 10.42
C GLN B 271 23.52 5.50 9.47
N ALA B 272 23.49 5.78 8.17
CA ALA B 272 22.86 4.82 7.27
C ALA B 272 23.72 3.56 7.28
N ALA B 273 25.05 3.78 7.25
CA ALA B 273 26.02 2.70 7.29
C ALA B 273 25.88 1.85 8.55
N MET B 274 25.57 2.47 9.70
CA MET B 274 25.53 1.70 10.92
C MET B 274 24.24 0.88 10.97
N GLU B 275 23.34 1.12 10.00
CA GLU B 275 22.07 0.40 10.00
C GLU B 275 22.11 -0.73 8.99
N GLY B 276 23.23 -0.90 8.30
CA GLY B 276 23.43 -2.02 7.39
C GLY B 276 23.09 -1.70 5.93
N TYR B 277 22.99 -0.39 5.60
CA TYR B 277 22.78 0.07 4.23
C TYR B 277 24.10 0.42 3.56
N GLU B 278 24.28 -0.05 2.32
CA GLU B 278 25.35 0.48 1.52
C GLU B 278 25.05 1.94 1.18
N VAL B 279 26.07 2.79 1.35
CA VAL B 279 26.06 4.22 1.04
C VAL B 279 27.04 4.48 -0.09
N THR B 280 26.52 4.98 -1.22
CA THR B 280 27.39 5.31 -2.35
C THR B 280 26.77 6.47 -3.11
N THR B 281 27.22 6.73 -4.34
CA THR B 281 26.77 7.92 -5.04
C THR B 281 25.74 7.52 -6.07
N MET B 282 24.93 8.50 -6.51
CA MET B 282 23.95 8.27 -7.55
C MET B 282 24.69 7.79 -8.80
N ASP B 283 25.89 8.36 -9.03
CA ASP B 283 26.73 8.07 -10.18
C ASP B 283 26.96 6.57 -10.26
N GLU B 284 27.16 5.94 -9.10
CA GLU B 284 27.34 4.51 -8.98
C GLU B 284 25.98 3.82 -9.03
N ALA B 285 25.06 4.29 -8.19
CA ALA B 285 23.91 3.51 -7.78
C ALA B 285 22.89 3.40 -8.92
N CYS B 286 22.92 4.35 -9.87
CA CYS B 286 21.96 4.40 -10.96
C CYS B 286 22.10 3.16 -11.85
N LYS B 287 23.28 2.53 -11.82
CA LYS B 287 23.49 1.29 -12.57
C LYS B 287 22.88 0.11 -11.82
N GLU B 288 22.41 0.29 -10.59
CA GLU B 288 22.04 -0.90 -9.85
C GLU B 288 20.56 -0.95 -9.47
N GLY B 289 19.97 0.23 -9.20
CA GLY B 289 18.62 0.32 -8.65
C GLY B 289 17.52 -0.06 -9.65
N ASN B 290 16.47 -0.70 -9.10
CA ASN B 290 15.19 -0.94 -9.75
C ASN B 290 14.17 0.15 -9.38
N ILE B 291 14.36 0.80 -8.23
CA ILE B 291 13.46 1.80 -7.70
C ILE B 291 14.32 2.94 -7.14
N PHE B 292 13.89 4.18 -7.38
CA PHE B 292 14.60 5.40 -7.03
C PHE B 292 13.64 6.37 -6.35
N VAL B 293 13.93 6.74 -5.10
CA VAL B 293 13.18 7.72 -4.33
C VAL B 293 14.07 8.88 -3.91
N THR B 294 13.76 10.10 -4.36
CA THR B 294 14.52 11.25 -3.90
C THR B 294 13.89 11.84 -2.65
N THR B 295 14.71 12.24 -1.66
CA THR B 295 14.20 12.74 -0.38
C THR B 295 15.00 13.96 0.08
N THR B 296 15.78 14.57 -0.82
CA THR B 296 16.84 15.48 -0.42
C THR B 296 16.35 16.89 -0.13
N GLY B 297 15.27 17.32 -0.78
CA GLY B 297 14.88 18.72 -0.82
C GLY B 297 15.77 19.57 -1.74
N CYS B 298 16.54 18.90 -2.60
CA CYS B 298 17.60 19.58 -3.32
C CYS B 298 17.42 19.34 -4.82
N VAL B 299 18.05 20.20 -5.64
CA VAL B 299 17.88 20.16 -7.08
C VAL B 299 18.93 19.22 -7.66
N ASP B 300 18.58 18.58 -8.80
CA ASP B 300 19.52 17.87 -9.66
C ASP B 300 20.02 16.58 -9.01
N ILE B 301 19.07 15.71 -8.62
CA ILE B 301 19.45 14.48 -7.94
C ILE B 301 19.62 13.36 -8.96
N ILE B 302 18.64 13.20 -9.84
CA ILE B 302 18.68 12.20 -10.89
C ILE B 302 18.62 12.95 -12.21
N LEU B 303 19.62 12.71 -13.04
CA LEU B 303 19.87 13.45 -14.28
C LEU B 303 19.93 12.46 -15.44
N GLY B 304 19.93 13.01 -16.67
CA GLY B 304 20.17 12.28 -17.90
C GLY B 304 21.16 11.12 -17.80
N ARG B 305 22.38 11.37 -17.26
CA ARG B 305 23.43 10.35 -17.18
C ARG B 305 23.02 9.21 -16.25
N HIS B 306 22.20 9.49 -15.25
CA HIS B 306 21.64 8.44 -14.42
C HIS B 306 20.63 7.62 -15.22
N PHE B 307 19.72 8.32 -15.90
CA PHE B 307 18.67 7.67 -16.67
C PHE B 307 19.19 6.74 -17.77
N GLU B 308 20.22 7.16 -18.53
CA GLU B 308 20.75 6.39 -19.65
C GLU B 308 21.42 5.10 -19.17
N GLN B 309 21.57 4.93 -17.86
CA GLN B 309 22.32 3.83 -17.30
C GLN B 309 21.42 2.91 -16.46
N MET B 310 20.13 3.22 -16.36
CA MET B 310 19.28 2.49 -15.43
C MET B 310 18.79 1.18 -16.07
N LYS B 311 18.48 0.21 -15.20
CA LYS B 311 17.90 -1.05 -15.62
C LYS B 311 16.55 -0.78 -16.28
N ASP B 312 16.12 -1.73 -17.12
CA ASP B 312 14.87 -1.62 -17.82
C ASP B 312 13.72 -1.50 -16.82
N ASP B 313 12.80 -0.56 -17.09
CA ASP B 313 11.62 -0.39 -16.27
C ASP B 313 11.96 0.12 -14.85
N ALA B 314 13.16 0.67 -14.60
CA ALA B 314 13.41 1.35 -13.35
C ALA B 314 12.22 2.28 -13.04
N ILE B 315 11.76 2.25 -11.78
CA ILE B 315 10.72 3.15 -11.31
C ILE B 315 11.37 4.34 -10.58
N VAL B 316 11.00 5.57 -10.97
CA VAL B 316 11.64 6.78 -10.45
C VAL B 316 10.55 7.72 -9.90
N CYS B 317 10.77 8.18 -8.66
CA CYS B 317 9.81 9.04 -8.00
C CYS B 317 10.49 9.88 -6.94
N ASN B 318 9.76 10.88 -6.45
CA ASN B 318 10.28 11.94 -5.62
C ASN B 318 9.30 12.08 -4.45
N ILE B 319 9.84 12.28 -3.24
CA ILE B 319 8.99 12.44 -2.06
C ILE B 319 9.37 13.71 -1.29
N GLY B 320 10.36 14.47 -1.76
CA GLY B 320 10.64 15.79 -1.16
C GLY B 320 9.71 16.86 -1.75
N HIS B 321 9.57 18.01 -1.08
CA HIS B 321 8.38 18.87 -1.28
C HIS B 321 8.14 19.40 -2.70
N PHE B 322 9.16 19.94 -3.40
CA PHE B 322 8.93 20.36 -4.78
C PHE B 322 9.60 19.35 -5.67
N ASP B 323 9.19 19.43 -6.97
CA ASP B 323 9.55 18.57 -8.09
C ASP B 323 10.81 19.02 -8.86
N VAL B 324 11.95 19.18 -8.20
CA VAL B 324 13.16 19.64 -8.88
C VAL B 324 14.25 18.58 -8.75
N GLU B 325 13.91 17.48 -8.07
CA GLU B 325 14.85 16.44 -7.71
C GLU B 325 15.16 15.55 -8.91
N ILE B 326 14.14 15.28 -9.73
CA ILE B 326 14.28 14.45 -10.92
C ILE B 326 14.16 15.37 -12.12
N ASP B 327 15.10 15.21 -13.05
CA ASP B 327 15.13 16.01 -14.26
C ASP B 327 14.16 15.41 -15.26
N VAL B 328 12.88 15.64 -14.97
CA VAL B 328 11.77 15.27 -15.81
C VAL B 328 11.91 15.96 -17.19
N LYS B 329 12.38 17.22 -17.19
CA LYS B 329 12.67 17.95 -18.43
C LYS B 329 13.50 17.10 -19.40
N TRP B 330 14.59 16.49 -18.91
CA TRP B 330 15.47 15.62 -19.68
C TRP B 330 14.71 14.47 -20.36
N LEU B 331 13.81 13.82 -19.60
CA LEU B 331 12.99 12.70 -20.08
C LEU B 331 12.06 13.20 -21.19
N ASN B 332 11.43 14.36 -21.01
CA ASN B 332 10.50 14.92 -22.00
C ASN B 332 11.23 15.29 -23.30
N GLU B 333 12.47 15.78 -23.17
CA GLU B 333 13.21 16.21 -24.33
C GLU B 333 13.91 15.04 -25.02
N ASN B 334 14.22 13.96 -24.30
CA ASN B 334 15.20 13.00 -24.80
C ASN B 334 14.59 11.65 -25.14
N ALA B 335 13.47 11.29 -24.48
CA ALA B 335 12.84 10.01 -24.72
C ALA B 335 12.41 9.91 -26.18
N VAL B 336 12.39 8.68 -26.73
CA VAL B 336 11.90 8.47 -28.08
C VAL B 336 10.39 8.67 -28.07
N GLU B 337 9.77 8.24 -26.98
CA GLU B 337 8.33 8.09 -26.88
C GLU B 337 7.96 8.03 -25.39
N LYS B 338 6.97 8.85 -25.00
CA LYS B 338 6.36 8.78 -23.67
C LYS B 338 4.97 8.18 -23.78
N VAL B 339 4.77 7.01 -23.17
CA VAL B 339 3.45 6.38 -23.07
C VAL B 339 2.88 6.69 -21.69
N ASN B 340 1.73 7.36 -21.64
CA ASN B 340 0.95 7.48 -20.41
C ASN B 340 0.26 6.15 -20.08
N ILE B 341 0.31 5.73 -18.81
CA ILE B 341 -0.21 4.43 -18.38
C ILE B 341 -1.59 4.60 -17.77
N LYS B 342 -1.67 5.55 -16.83
CA LYS B 342 -2.85 6.03 -16.10
C LYS B 342 -2.46 7.35 -15.43
N PRO B 343 -3.41 8.14 -14.85
CA PRO B 343 -3.01 9.42 -14.23
C PRO B 343 -1.78 9.24 -13.33
N GLN B 344 -0.73 10.03 -13.61
CA GLN B 344 0.42 10.12 -12.75
C GLN B 344 1.34 8.91 -12.93
N VAL B 345 1.22 8.18 -14.04
CA VAL B 345 2.16 7.12 -14.29
C VAL B 345 2.56 7.14 -15.76
N ASP B 346 3.85 7.41 -16.04
CA ASP B 346 4.37 7.49 -17.39
C ASP B 346 5.52 6.51 -17.58
N ARG B 347 5.53 5.84 -18.73
CA ARG B 347 6.61 4.97 -19.21
C ARG B 347 7.31 5.61 -20.40
N TYR B 348 8.53 6.08 -20.16
CA TYR B 348 9.36 6.64 -21.21
C TYR B 348 10.17 5.54 -21.92
N TRP B 349 10.10 5.52 -23.25
CA TRP B 349 11.02 4.74 -24.09
C TRP B 349 12.27 5.57 -24.40
N LEU B 350 13.45 4.99 -24.16
CA LEU B 350 14.70 5.72 -24.39
C LEU B 350 15.40 5.26 -25.66
N LYS B 351 16.35 6.07 -26.15
CA LYS B 351 17.11 5.73 -27.35
C LYS B 351 17.93 4.45 -27.15
N ASN B 352 18.12 4.02 -25.89
CA ASN B 352 18.84 2.78 -25.64
C ASN B 352 17.87 1.60 -25.67
N GLY B 353 16.59 1.85 -25.88
CA GLY B 353 15.68 0.71 -25.94
C GLY B 353 15.12 0.33 -24.56
N ARG B 354 15.68 0.92 -23.49
CA ARG B 354 15.16 0.67 -22.16
C ARG B 354 14.03 1.64 -21.82
N ARG B 355 13.26 1.31 -20.78
CA ARG B 355 12.09 2.07 -20.36
C ARG B 355 12.28 2.62 -18.94
N ILE B 356 11.81 3.85 -18.71
CA ILE B 356 11.76 4.41 -17.38
C ILE B 356 10.31 4.66 -17.00
N ILE B 357 9.90 4.21 -15.80
CA ILE B 357 8.58 4.54 -15.31
C ILE B 357 8.72 5.70 -14.32
N LEU B 358 8.13 6.86 -14.69
CA LEU B 358 8.17 8.02 -13.82
C LEU B 358 6.80 8.19 -13.18
N LEU B 359 6.78 8.52 -11.87
CA LEU B 359 5.52 8.63 -11.15
C LEU B 359 5.26 10.11 -10.86
N ALA B 360 4.01 10.56 -11.06
CA ALA B 360 3.51 11.85 -10.59
C ALA B 360 4.31 13.03 -11.16
N GLU B 361 4.89 12.82 -12.35
CA GLU B 361 5.65 13.82 -13.11
C GLU B 361 6.73 14.39 -12.22
N GLY B 362 7.22 13.56 -11.29
CA GLY B 362 8.29 13.94 -10.39
C GLY B 362 7.83 14.73 -9.16
N ARG B 363 6.51 14.83 -8.92
CA ARG B 363 5.97 15.49 -7.72
C ARG B 363 5.69 14.44 -6.63
N LEU B 364 5.47 14.91 -5.39
CA LEU B 364 5.27 14.10 -4.20
C LEU B 364 4.56 12.79 -4.54
N VAL B 365 5.21 11.66 -4.31
CA VAL B 365 4.62 10.43 -4.78
C VAL B 365 3.53 9.93 -3.83
N ASN B 366 3.73 10.07 -2.50
CA ASN B 366 2.77 9.58 -1.51
C ASN B 366 1.42 10.29 -1.66
N LEU B 367 1.46 11.62 -1.83
CA LEU B 367 0.24 12.42 -1.93
C LEU B 367 -0.28 12.39 -3.37
N GLY B 368 0.64 12.39 -4.34
CA GLY B 368 0.32 12.38 -5.76
C GLY B 368 -0.26 11.07 -6.25
N CYS B 369 0.20 9.94 -5.71
CA CYS B 369 -0.21 8.63 -6.20
C CYS B 369 -1.01 7.82 -5.17
N ALA B 370 -1.04 8.24 -3.90
CA ALA B 370 -1.84 7.59 -2.87
C ALA B 370 -2.60 8.65 -2.06
N MET B 371 -2.62 8.55 -0.72
CA MET B 371 -3.49 9.37 0.12
C MET B 371 -2.68 10.18 1.15
N GLY B 372 -1.36 10.31 0.91
CA GLY B 372 -0.47 10.93 1.88
C GLY B 372 -0.36 10.09 3.15
N HIS B 373 0.16 10.69 4.22
CA HIS B 373 0.22 10.01 5.50
C HIS B 373 -1.18 9.66 5.99
N PRO B 374 -1.31 8.58 6.81
CA PRO B 374 -2.58 8.23 7.45
C PRO B 374 -2.86 9.29 8.49
N SER B 375 -4.09 9.27 9.01
CA SER B 375 -4.65 10.36 9.81
C SER B 375 -3.96 10.46 11.18
N PHE B 376 -3.58 9.32 11.74
CA PHE B 376 -3.01 9.28 13.08
C PHE B 376 -1.78 10.16 13.20
N VAL B 377 -0.83 9.98 12.28
CA VAL B 377 0.39 10.74 12.40
C VAL B 377 0.13 12.21 12.03
N MET B 378 -0.82 12.45 11.12
CA MET B 378 -1.14 13.80 10.71
C MET B 378 -1.71 14.56 11.90
N SER B 379 -2.24 13.82 12.87
CA SER B 379 -2.85 14.40 14.06
C SER B 379 -1.79 15.07 14.93
N ASN B 380 -0.57 14.53 14.93
CA ASN B 380 0.55 15.15 15.61
C ASN B 380 0.88 16.50 14.96
N SER B 381 1.12 16.45 13.66
CA SER B 381 1.51 17.64 12.91
C SER B 381 0.44 18.70 13.00
N PHE B 382 -0.83 18.29 12.93
CA PHE B 382 -1.91 19.25 12.85
C PHE B 382 -2.22 19.83 14.22
N THR B 383 -1.99 19.07 15.29
CA THR B 383 -2.15 19.59 16.64
C THR B 383 -1.12 20.69 16.90
N ASN B 384 0.13 20.44 16.45
CA ASN B 384 1.20 21.43 16.44
C ASN B 384 0.74 22.65 15.65
N GLN B 385 0.18 22.40 14.45
CA GLN B 385 -0.38 23.47 13.60
C GLN B 385 -1.41 24.32 14.36
N VAL B 386 -2.29 23.68 15.12
CA VAL B 386 -3.35 24.40 15.81
C VAL B 386 -2.76 25.27 16.94
N MET B 387 -1.86 24.68 17.74
CA MET B 387 -1.19 25.36 18.84
C MET B 387 -0.40 26.58 18.34
N ALA B 388 0.22 26.45 17.15
CA ALA B 388 0.98 27.51 16.53
C ALA B 388 0.07 28.71 16.22
N GLN B 389 -1.02 28.45 15.48
CA GLN B 389 -2.07 29.42 15.20
C GLN B 389 -2.55 30.08 16.50
N ILE B 390 -2.84 29.31 17.54
CA ILE B 390 -3.26 29.86 18.83
C ILE B 390 -2.18 30.78 19.44
N GLU B 391 -0.92 30.34 19.42
CA GLU B 391 0.22 31.06 19.99
C GLU B 391 0.42 32.40 19.27
N LEU B 392 0.47 32.38 17.93
CA LEU B 392 0.66 33.57 17.10
C LEU B 392 -0.49 34.56 17.30
N TRP B 393 -1.73 34.08 17.20
CA TRP B 393 -2.90 34.93 17.20
C TRP B 393 -3.26 35.47 18.60
N THR B 394 -3.04 34.67 19.64
CA THR B 394 -3.47 34.96 21.01
C THR B 394 -2.37 35.71 21.77
N HIS B 395 -1.11 35.60 21.30
CA HIS B 395 0.04 36.11 22.05
C HIS B 395 1.00 36.79 21.10
N PRO B 396 0.54 37.78 20.28
CA PRO B 396 1.43 38.47 19.33
C PRO B 396 2.74 38.92 19.99
N ASP B 397 2.64 39.42 21.23
CA ASP B 397 3.71 40.08 21.97
C ASP B 397 4.91 39.16 22.17
N LYS B 398 4.67 37.85 22.09
CA LYS B 398 5.69 36.88 22.45
C LYS B 398 6.63 36.62 21.26
N TYR B 399 6.20 37.01 20.03
CA TYR B 399 6.84 36.57 18.80
C TYR B 399 7.17 37.75 17.92
N PRO B 400 8.37 38.34 18.05
CA PRO B 400 8.85 39.31 17.07
C PRO B 400 8.97 38.68 15.68
N VAL B 401 9.22 39.51 14.66
CA VAL B 401 9.54 39.01 13.33
C VAL B 401 10.78 38.12 13.44
N GLY B 402 10.64 36.89 12.97
CA GLY B 402 11.68 35.87 13.01
C GLY B 402 11.04 34.49 12.89
N VAL B 403 11.83 33.44 13.15
CA VAL B 403 11.31 32.09 13.05
C VAL B 403 11.48 31.40 14.39
N HIS B 404 10.36 30.92 14.95
CA HIS B 404 10.33 30.45 16.33
C HIS B 404 9.95 28.96 16.40
N PHE B 405 10.32 28.29 17.51
CA PHE B 405 9.81 26.96 17.75
C PHE B 405 8.72 27.07 18.80
N LEU B 406 7.76 26.13 18.77
CA LEU B 406 6.87 25.92 19.89
C LEU B 406 7.70 25.52 21.11
N PRO B 407 7.32 25.92 22.34
CA PRO B 407 7.97 25.42 23.56
C PRO B 407 7.90 23.90 23.76
N LYS B 408 8.89 23.32 24.47
CA LYS B 408 8.95 21.88 24.67
C LYS B 408 7.72 21.42 25.45
N LYS B 409 7.15 22.32 26.25
CA LYS B 409 6.01 21.90 27.08
C LYS B 409 4.88 21.46 26.16
N LEU B 410 4.56 22.28 25.15
CA LEU B 410 3.48 22.04 24.20
C LEU B 410 3.81 20.86 23.30
N ASP B 411 5.09 20.76 22.89
CA ASP B 411 5.62 19.66 22.12
C ASP B 411 5.29 18.33 22.83
N GLU B 412 5.52 18.27 24.15
CA GLU B 412 5.18 17.10 24.94
C GLU B 412 3.67 16.89 25.01
N ALA B 413 2.89 17.97 25.11
CA ALA B 413 1.43 17.88 25.21
C ALA B 413 0.85 17.14 23.99
N VAL B 414 1.37 17.48 22.81
CA VAL B 414 0.93 16.88 21.57
C VAL B 414 1.08 15.37 21.71
N ALA B 415 2.28 14.93 22.11
CA ALA B 415 2.60 13.53 22.30
C ALA B 415 1.62 12.91 23.30
N GLU B 416 1.50 13.51 24.49
CA GLU B 416 0.66 12.99 25.55
C GLU B 416 -0.75 12.71 25.03
N ALA B 417 -1.25 13.59 24.16
CA ALA B 417 -2.62 13.57 23.67
C ALA B 417 -2.85 12.40 22.72
N HIS B 418 -1.80 11.73 22.26
CA HIS B 418 -2.00 10.59 21.37
C HIS B 418 -1.80 9.26 22.12
N LEU B 419 -1.43 9.33 23.40
CA LEU B 419 -1.02 8.17 24.17
C LEU B 419 -2.22 7.25 24.42
N GLY B 420 -3.29 7.84 24.94
CA GLY B 420 -4.48 7.13 25.36
C GLY B 420 -5.09 6.26 24.26
N LYS B 421 -5.16 6.81 23.03
CA LYS B 421 -5.71 6.09 21.89
C LYS B 421 -4.93 4.80 21.64
N LEU B 422 -3.63 4.80 21.96
CA LEU B 422 -2.76 3.66 21.75
C LEU B 422 -2.69 2.77 22.99
N ASN B 423 -3.42 3.10 24.05
CA ASN B 423 -3.35 2.36 25.32
C ASN B 423 -1.95 2.29 25.89
N VAL B 424 -1.22 3.40 25.84
CA VAL B 424 0.08 3.54 26.48
C VAL B 424 -0.15 3.99 27.92
N LYS B 425 0.60 3.45 28.87
CA LYS B 425 0.57 3.99 30.22
C LYS B 425 1.94 4.62 30.47
N LEU B 426 1.97 5.95 30.51
CA LEU B 426 3.18 6.69 30.79
C LEU B 426 3.44 6.60 32.28
N THR B 427 4.71 6.52 32.66
CA THR B 427 5.09 6.46 34.06
C THR B 427 5.05 7.89 34.60
N LYS B 428 4.84 8.01 35.92
CA LYS B 428 4.90 9.31 36.58
C LYS B 428 6.03 9.26 37.59
N LEU B 429 7.03 10.13 37.38
CA LEU B 429 8.10 10.38 38.32
C LEU B 429 7.50 10.50 39.72
N THR B 430 8.08 9.82 40.72
CA THR B 430 7.80 10.15 42.10
C THR B 430 8.46 11.48 42.46
N GLU B 431 8.12 12.02 43.62
CA GLU B 431 8.73 13.29 44.00
C GLU B 431 10.24 13.08 44.22
N LYS B 432 10.62 11.93 44.78
CA LYS B 432 12.02 11.63 45.08
C LYS B 432 12.87 11.52 43.81
N GLN B 433 12.31 10.89 42.75
CA GLN B 433 12.96 10.79 41.45
C GLN B 433 13.11 12.17 40.80
N ALA B 434 12.04 12.98 40.78
CA ALA B 434 12.06 14.31 40.15
C ALA B 434 13.15 15.17 40.78
N GLN B 435 13.21 15.09 42.10
CA GLN B 435 14.19 15.75 42.93
C GLN B 435 15.57 15.24 42.52
N TYR B 436 15.67 13.92 42.32
CA TYR B 436 16.95 13.32 41.99
C TYR B 436 17.38 13.79 40.60
N LEU B 437 16.46 13.80 39.63
CA LEU B 437 16.77 14.20 38.27
C LEU B 437 16.78 15.72 38.16
N GLY B 438 16.17 16.43 39.13
CA GLY B 438 16.07 17.88 39.09
C GLY B 438 15.14 18.41 37.99
N MET B 439 13.98 17.77 37.76
CA MET B 439 13.00 18.26 36.79
C MET B 439 11.64 18.32 37.48
N PRO B 440 10.71 19.17 36.97
CA PRO B 440 9.31 19.18 37.45
C PRO B 440 8.67 17.84 37.06
N ILE B 441 7.81 17.31 37.95
CA ILE B 441 7.13 16.04 37.75
C ILE B 441 6.44 15.99 36.37
N ASN B 442 5.99 17.15 35.87
CA ASN B 442 5.12 17.31 34.70
C ASN B 442 5.88 17.83 33.48
N GLY B 443 7.22 17.88 33.53
CA GLY B 443 8.03 18.23 32.37
C GLY B 443 8.30 19.74 32.30
N PRO B 444 9.13 20.22 31.34
CA PRO B 444 9.71 19.39 30.28
C PRO B 444 10.72 18.37 30.81
N PHE B 445 10.90 17.24 30.10
CA PHE B 445 11.70 16.15 30.67
C PHE B 445 13.11 16.10 30.07
N LYS B 446 13.42 17.06 29.19
CA LYS B 446 14.59 16.96 28.31
C LYS B 446 15.17 18.36 28.11
N PRO B 447 16.51 18.52 28.06
CA PRO B 447 17.10 19.83 27.78
C PRO B 447 16.75 20.28 26.38
N ASP B 448 16.89 21.58 26.09
CA ASP B 448 16.49 22.13 24.79
C ASP B 448 17.22 21.50 23.62
N HIS B 449 18.44 20.99 23.87
CA HIS B 449 19.28 20.41 22.82
C HIS B 449 18.99 18.93 22.57
N TYR B 450 18.09 18.33 23.37
CA TYR B 450 17.84 16.90 23.24
C TYR B 450 17.36 16.53 21.84
N ARG B 451 17.79 15.36 21.34
CA ARG B 451 17.58 15.03 19.94
C ARG B 451 16.54 13.94 19.72
N TYR B 452 16.23 13.16 20.76
CA TYR B 452 15.26 12.07 20.69
C TYR B 452 15.62 11.08 19.57
#